data_4UQU
#
_entry.id   4UQU
#
_cell.length_a   73.143
_cell.length_b   73.143
_cell.length_c   183.093
_cell.angle_alpha   90.00
_cell.angle_beta   90.00
_cell.angle_gamma   90.00
#
_symmetry.space_group_name_H-M   'P 41'
#
loop_
_entity.id
_entity.type
_entity.pdbx_description
1 polymer 'TETRACHLOROETHENE REDUCTIVE DEHALOGENASE CATALYTIC SUBUNIT PCEA'
2 non-polymer 'IRON/SULFUR CLUSTER'
3 non-polymer NORPSEUDO-B12
4 non-polymer BENZAMIDINE
5 non-polymer GLYCEROL
6 water water
#
_entity_poly.entity_id   1
_entity_poly.type   'polypeptide(L)'
_entity_poly.pdbx_seq_one_letter_code
;AEKEKNAAEIRQQFAMTAGSPIIVNDKLERYAEVRTAFTHPTSFFKPNYKGEVKPWFLSAYDEKVRQIENGENGPKMKAK
NVGEARAGRALEAAGWTLDINYGNIYPNRFFMLWSGETMTNTQLWAPVGLDRRPPDTTDPVELTNYVKFAARMAGADLVG
VARLNRNWVYSEAVTIPADVPYEQSLHKEIEKPIVFKDVPLPIETDDELIIPNTCENVIVAGIAMNREMMQTAPNSMACA
TTAFCYSRMCMFDMWLCQFIRYMGYYAIPSCNGVGQSVAFAVEAGLGQASRMGACITPEFGPNVRLTKVFTNMPLVPDKP
IDFGVTEFCETCKKCARECPSKAITEGPRTFEGRSIHNQSGKLQWQNDYNKCLGYWPESGGYCGVCVAVCPFTKGNIWIH
DGVEWLIDNTRFLDPLMLGMDDALGYGAKRNITEVWDGKINTYGLDADHFRDTVSFRKDRVKKS
;
_entity_poly.pdbx_strand_id   A,B
#
# COMPACT_ATOMS: atom_id res chain seq x y z
N ALA A 1 37.25 -1.50 -12.34
CA ALA A 1 36.29 -2.03 -11.39
C ALA A 1 34.87 -1.60 -11.75
N GLU A 2 33.90 -2.45 -11.43
CA GLU A 2 32.50 -2.15 -11.75
C GLU A 2 32.01 -0.90 -11.02
N LYS A 3 31.55 0.08 -11.80
CA LYS A 3 31.03 1.32 -11.23
C LYS A 3 29.74 1.05 -10.47
N GLU A 4 29.71 1.49 -9.22
CA GLU A 4 28.50 1.38 -8.40
C GLU A 4 27.37 2.11 -9.14
N LYS A 5 26.23 1.43 -9.29
CA LYS A 5 25.14 2.01 -10.05
C LYS A 5 24.60 3.27 -9.38
N ASN A 6 24.38 4.30 -10.21
CA ASN A 6 23.84 5.58 -9.76
C ASN A 6 22.68 5.97 -10.65
N ALA A 7 21.46 5.62 -10.22
CA ALA A 7 20.27 5.89 -11.01
C ALA A 7 20.02 7.39 -11.23
N ALA A 8 20.39 8.20 -10.23
CA ALA A 8 20.25 9.65 -10.36
C ALA A 8 21.21 10.20 -11.41
N GLU A 9 22.44 9.69 -11.42
CA GLU A 9 23.44 10.06 -12.43
C GLU A 9 22.93 9.75 -13.83
N ILE A 10 22.34 8.58 -13.95
CA ILE A 10 21.81 8.13 -15.22
C ILE A 10 20.75 9.09 -15.71
N ARG A 11 19.79 9.45 -14.85
CA ARG A 11 18.75 10.38 -15.27
C ARG A 11 19.29 11.75 -15.62
N GLN A 12 20.29 12.23 -14.87
CA GLN A 12 20.91 13.51 -15.20
C GLN A 12 21.56 13.46 -16.58
N GLN A 13 22.20 12.34 -16.90
CA GLN A 13 22.93 12.22 -18.16
C GLN A 13 22.01 12.34 -19.36
N PHE A 14 20.79 11.84 -19.20
CA PHE A 14 19.88 11.75 -20.34
C PHE A 14 18.76 12.79 -20.30
N ALA A 15 18.87 13.75 -19.40
CA ALA A 15 17.89 14.83 -19.32
C ALA A 15 17.87 15.68 -20.59
N MET A 16 16.66 16.00 -21.04
N MET A 16 16.67 16.03 -21.04
CA MET A 16 16.42 16.88 -22.19
CA MET A 16 16.51 16.92 -22.19
C MET A 16 16.13 18.32 -21.74
C MET A 16 16.09 18.31 -21.75
N THR A 17 16.15 19.27 -22.68
CA THR A 17 15.67 20.61 -22.39
C THR A 17 14.14 20.57 -22.34
N ALA A 18 13.53 21.62 -21.80
CA ALA A 18 12.09 21.65 -21.61
C ALA A 18 11.32 21.59 -22.94
N GLY A 19 10.16 20.94 -22.90
CA GLY A 19 9.27 20.89 -24.04
C GLY A 19 8.71 19.49 -24.22
N SER A 20 7.41 19.38 -24.47
CA SER A 20 6.80 18.06 -24.67
C SER A 20 7.46 17.36 -25.85
N PRO A 21 7.93 16.13 -25.62
CA PRO A 21 8.63 15.45 -26.71
C PRO A 21 7.68 14.77 -27.70
N ILE A 22 6.39 14.69 -27.36
CA ILE A 22 5.42 14.03 -28.24
C ILE A 22 5.16 14.88 -29.47
N ILE A 23 5.39 14.31 -30.65
CA ILE A 23 5.22 15.04 -31.89
C ILE A 23 3.79 14.93 -32.38
N VAL A 24 3.18 16.05 -32.69
CA VAL A 24 1.76 16.07 -33.05
C VAL A 24 1.52 16.84 -34.35
N ASN A 25 0.36 16.64 -34.97
CA ASN A 25 -0.06 17.53 -36.05
C ASN A 25 -1.51 18.03 -35.87
N ASP A 26 -2.06 18.64 -36.92
CA ASP A 26 -3.39 19.26 -36.85
C ASP A 26 -4.52 18.23 -36.76
N LYS A 27 -4.17 16.96 -36.98
CA LYS A 27 -5.12 15.86 -36.91
C LYS A 27 -5.61 15.65 -35.47
N LEU A 28 -4.83 16.10 -34.51
CA LEU A 28 -5.03 15.73 -33.10
C LEU A 28 -6.25 16.37 -32.46
N GLU A 29 -7.13 15.50 -31.95
CA GLU A 29 -8.25 15.91 -31.12
C GLU A 29 -8.23 15.12 -29.83
N ARG A 30 -8.88 15.63 -28.78
CA ARG A 30 -8.98 14.87 -27.54
C ARG A 30 -9.80 13.60 -27.80
N TYR A 31 -9.43 12.55 -27.10
CA TYR A 31 -9.93 11.19 -27.33
C TYR A 31 -11.03 10.83 -26.33
N ALA A 32 -12.18 10.38 -26.82
CA ALA A 32 -13.25 9.90 -25.95
C ALA A 32 -12.91 8.53 -25.35
N GLU A 33 -12.99 8.43 -24.02
CA GLU A 33 -12.55 7.21 -23.32
C GLU A 33 -13.28 5.95 -23.77
N VAL A 34 -14.51 6.12 -24.23
CA VAL A 34 -15.32 4.99 -24.66
C VAL A 34 -14.68 4.23 -25.83
N ARG A 35 -13.72 4.87 -26.49
CA ARG A 35 -13.07 4.28 -27.65
C ARG A 35 -12.03 3.19 -27.30
N THR A 36 -11.65 3.09 -26.03
CA THR A 36 -10.63 2.09 -25.64
C THR A 36 -11.20 0.69 -25.88
N ALA A 37 -10.34 -0.31 -26.09
CA ALA A 37 -10.85 -1.65 -26.39
C ALA A 37 -11.67 -2.22 -25.22
N PHE A 38 -11.35 -1.80 -24.01
CA PHE A 38 -12.08 -2.26 -22.82
C PHE A 38 -13.54 -1.87 -22.86
N THR A 39 -13.84 -0.73 -23.49
CA THR A 39 -15.16 -0.12 -23.37
C THR A 39 -15.94 -0.10 -24.67
N HIS A 40 -15.24 -0.07 -25.81
CA HIS A 40 -15.94 0.11 -27.07
C HIS A 40 -16.76 -1.12 -27.43
N PRO A 41 -18.00 -0.92 -27.89
CA PRO A 41 -18.90 -2.05 -28.21
C PRO A 41 -18.28 -3.03 -29.21
N THR A 42 -17.44 -2.51 -30.11
CA THR A 42 -16.78 -3.32 -31.13
C THR A 42 -15.76 -4.31 -30.56
N SER A 43 -15.42 -4.18 -29.29
CA SER A 43 -14.31 -4.95 -28.73
C SER A 43 -14.57 -5.51 -27.34
N PHE A 44 -15.54 -4.91 -26.65
CA PHE A 44 -15.84 -5.24 -25.26
C PHE A 44 -16.29 -6.70 -25.14
N PHE A 45 -16.97 -7.19 -26.17
CA PHE A 45 -17.44 -8.58 -26.20
C PHE A 45 -16.44 -9.50 -26.87
N LYS A 46 -16.14 -10.61 -26.20
CA LYS A 46 -15.25 -11.63 -26.74
C LYS A 46 -15.79 -13.02 -26.48
N PRO A 47 -15.50 -13.97 -27.38
CA PRO A 47 -15.95 -15.35 -27.17
C PRO A 47 -15.15 -16.04 -26.06
N ASN A 48 -15.77 -17.01 -25.38
CA ASN A 48 -15.00 -17.84 -24.47
C ASN A 48 -14.56 -19.11 -25.21
N TYR A 49 -13.99 -20.07 -24.48
CA TYR A 49 -13.45 -21.24 -25.14
C TYR A 49 -14.56 -22.13 -25.70
N LYS A 50 -15.80 -21.90 -25.29
CA LYS A 50 -16.95 -22.60 -25.85
C LYS A 50 -17.59 -21.81 -26.98
N GLY A 51 -17.00 -20.67 -27.32
CA GLY A 51 -17.51 -19.85 -28.41
C GLY A 51 -18.66 -18.96 -28.02
N GLU A 52 -19.01 -18.93 -26.73
CA GLU A 52 -20.02 -18.02 -26.22
C GLU A 52 -19.49 -16.59 -26.14
N VAL A 53 -20.25 -15.64 -26.67
CA VAL A 53 -19.85 -14.25 -26.64
C VAL A 53 -20.27 -13.56 -25.33
N LYS A 54 -19.29 -13.13 -24.56
CA LYS A 54 -19.52 -12.49 -23.27
C LYS A 54 -18.66 -11.24 -23.14
N PRO A 55 -18.92 -10.41 -22.12
CA PRO A 55 -17.94 -9.39 -21.76
C PRO A 55 -16.56 -10.01 -21.64
N TRP A 56 -15.52 -9.31 -22.08
CA TRP A 56 -14.21 -9.92 -22.15
C TRP A 56 -13.78 -10.54 -20.81
N PHE A 57 -14.05 -9.87 -19.69
CA PHE A 57 -13.56 -10.39 -18.41
C PHE A 57 -14.34 -11.62 -17.95
N LEU A 58 -15.60 -11.73 -18.38
CA LEU A 58 -16.38 -12.93 -18.08
C LEU A 58 -15.90 -14.13 -18.90
N SER A 59 -15.58 -13.90 -20.17
CA SER A 59 -14.98 -14.97 -20.95
C SER A 59 -13.63 -15.38 -20.37
N ALA A 60 -12.88 -14.40 -19.89
CA ALA A 60 -11.59 -14.67 -19.28
C ALA A 60 -11.78 -15.49 -17.99
N TYR A 61 -12.81 -15.15 -17.20
CA TYR A 61 -13.16 -15.94 -16.02
C TYR A 61 -13.39 -17.42 -16.36
N ASP A 62 -14.11 -17.68 -17.44
CA ASP A 62 -14.41 -19.06 -17.84
C ASP A 62 -13.11 -19.83 -18.07
N GLU A 63 -12.12 -19.15 -18.64
CA GLU A 63 -10.83 -19.78 -18.90
C GLU A 63 -10.01 -20.02 -17.61
N LYS A 64 -10.09 -19.09 -16.65
CA LYS A 64 -9.43 -19.28 -15.35
C LYS A 64 -10.02 -20.51 -14.66
N VAL A 65 -11.34 -20.62 -14.68
CA VAL A 65 -12.01 -21.76 -14.08
C VAL A 65 -11.60 -23.08 -14.75
N ARG A 66 -11.63 -23.10 -16.08
CA ARG A 66 -11.16 -24.25 -16.84
C ARG A 66 -9.72 -24.61 -16.50
N GLN A 67 -8.84 -23.61 -16.44
CA GLN A 67 -7.45 -23.88 -16.09
C GLN A 67 -7.29 -24.47 -14.69
N ILE A 68 -7.97 -23.88 -13.70
CA ILE A 68 -7.86 -24.44 -12.34
C ILE A 68 -8.30 -25.89 -12.32
N GLU A 69 -9.44 -26.17 -12.95
CA GLU A 69 -9.96 -27.54 -13.03
C GLU A 69 -8.98 -28.48 -13.73
N ASN A 70 -8.27 -27.95 -14.73
CA ASN A 70 -7.32 -28.74 -15.50
C ASN A 70 -5.90 -28.67 -14.91
N GLY A 71 -5.76 -28.02 -13.77
CA GLY A 71 -4.46 -27.92 -13.12
C GLY A 71 -3.45 -27.17 -13.95
N GLU A 72 -3.87 -26.02 -14.48
CA GLU A 72 -3.03 -25.20 -15.33
C GLU A 72 -2.84 -23.80 -14.76
N ASN A 73 -1.65 -23.22 -14.96
CA ASN A 73 -1.39 -21.84 -14.56
C ASN A 73 -1.54 -20.83 -15.70
N GLY A 74 -1.85 -21.33 -16.90
CA GLY A 74 -1.98 -20.49 -18.07
C GLY A 74 -2.32 -21.34 -19.26
N PRO A 75 -2.44 -20.72 -20.44
CA PRO A 75 -2.77 -21.46 -21.66
C PRO A 75 -1.68 -22.47 -22.01
N LYS A 76 -2.03 -23.74 -21.98
CA LYS A 76 -1.08 -24.82 -22.29
C LYS A 76 0.14 -24.80 -21.37
N MET A 77 -0.06 -24.33 -20.15
CA MET A 77 0.98 -24.38 -19.12
C MET A 77 0.48 -25.13 -17.89
N LYS A 78 0.92 -26.37 -17.74
CA LYS A 78 0.54 -27.17 -16.58
C LYS A 78 1.15 -26.61 -15.30
N ALA A 79 0.34 -26.57 -14.24
CA ALA A 79 0.79 -26.24 -12.89
C ALA A 79 1.32 -27.49 -12.22
N LYS A 80 1.94 -27.33 -11.05
CA LYS A 80 2.41 -28.49 -10.26
C LYS A 80 1.23 -29.41 -9.94
N ASN A 81 0.12 -28.78 -9.57
CA ASN A 81 -1.12 -29.48 -9.28
C ASN A 81 -2.26 -28.48 -9.27
N VAL A 82 -3.47 -28.98 -9.03
CA VAL A 82 -4.64 -28.11 -9.00
C VAL A 82 -4.53 -27.06 -7.88
N GLY A 83 -3.97 -27.45 -6.75
CA GLY A 83 -3.80 -26.52 -5.64
C GLY A 83 -2.94 -25.31 -6.02
N GLU A 84 -1.91 -25.55 -6.82
CA GLU A 84 -1.05 -24.44 -7.24
C GLU A 84 -1.80 -23.52 -8.21
N ALA A 85 -2.53 -24.12 -9.14
CA ALA A 85 -3.34 -23.35 -10.08
C ALA A 85 -4.32 -22.46 -9.33
N ARG A 86 -5.01 -23.05 -8.36
N ARG A 86 -5.00 -23.00 -8.33
CA ARG A 86 -5.95 -22.34 -7.50
CA ARG A 86 -5.97 -22.21 -7.60
C ARG A 86 -5.30 -21.14 -6.82
C ARG A 86 -5.31 -21.11 -6.77
N ALA A 87 -4.11 -21.36 -6.25
CA ALA A 87 -3.41 -20.35 -5.47
C ALA A 87 -3.04 -19.13 -6.31
N GLY A 88 -2.63 -19.37 -7.56
CA GLY A 88 -2.27 -18.28 -8.44
C GLY A 88 -3.46 -17.39 -8.72
N ARG A 89 -4.62 -18.02 -8.90
CA ARG A 89 -5.80 -17.24 -9.21
C ARG A 89 -6.38 -16.55 -7.97
N ALA A 90 -6.24 -17.20 -6.81
CA ALA A 90 -6.61 -16.54 -5.55
C ALA A 90 -5.75 -15.30 -5.32
N LEU A 91 -4.46 -15.39 -5.64
CA LEU A 91 -3.54 -14.28 -5.44
C LEU A 91 -3.92 -13.12 -6.36
N GLU A 92 -4.17 -13.46 -7.63
CA GLU A 92 -4.61 -12.49 -8.65
C GLU A 92 -5.88 -11.79 -8.19
N ALA A 93 -6.91 -12.56 -7.86
CA ALA A 93 -8.18 -11.98 -7.43
C ALA A 93 -8.00 -11.06 -6.23
N ALA A 94 -7.24 -11.50 -5.25
CA ALA A 94 -7.06 -10.70 -4.03
C ALA A 94 -6.35 -9.38 -4.35
N GLY A 95 -5.43 -9.40 -5.32
CA GLY A 95 -4.66 -8.21 -5.61
C GLY A 95 -5.52 -7.02 -5.97
N TRP A 96 -6.66 -7.31 -6.61
CA TRP A 96 -7.60 -6.27 -7.09
C TRP A 96 -8.48 -5.65 -6.01
N THR A 97 -8.26 -5.98 -4.74
CA THR A 97 -9.19 -5.58 -3.67
C THR A 97 -9.54 -4.07 -3.66
N LEU A 98 -8.57 -3.19 -3.95
CA LEU A 98 -8.87 -1.75 -3.86
C LEU A 98 -9.01 -1.10 -5.24
N ASP A 99 -9.59 -1.84 -6.16
CA ASP A 99 -9.79 -1.36 -7.52
C ASP A 99 -11.20 -1.70 -7.97
N ILE A 100 -11.84 -0.75 -8.64
CA ILE A 100 -13.20 -0.94 -9.16
C ILE A 100 -13.22 -1.28 -10.67
N ASN A 101 -13.87 -2.40 -11.00
CA ASN A 101 -14.11 -2.83 -12.39
C ASN A 101 -12.91 -2.70 -13.31
N TYR A 102 -11.77 -3.18 -12.82
CA TYR A 102 -10.53 -3.24 -13.57
C TYR A 102 -10.04 -1.88 -14.05
N GLY A 103 -9.75 -0.98 -13.11
CA GLY A 103 -9.02 0.23 -13.44
C GLY A 103 -9.38 1.51 -12.73
N ASN A 104 -10.44 1.49 -11.93
CA ASN A 104 -10.92 2.69 -11.25
C ASN A 104 -11.19 3.84 -12.21
N ILE A 105 -11.80 3.58 -13.36
CA ILE A 105 -11.84 4.65 -14.36
C ILE A 105 -12.96 5.67 -14.13
N TYR A 106 -14.04 5.29 -13.44
CA TYR A 106 -15.15 6.24 -13.27
C TYR A 106 -14.72 7.43 -12.41
N PRO A 107 -14.70 8.63 -12.99
CA PRO A 107 -14.23 9.75 -12.17
C PRO A 107 -15.25 10.15 -11.11
N ASN A 108 -14.77 10.54 -9.92
CA ASN A 108 -15.61 11.05 -8.85
C ASN A 108 -16.64 10.01 -8.41
N ARG A 109 -16.24 8.74 -8.49
CA ARG A 109 -17.00 7.63 -7.95
C ARG A 109 -16.06 6.78 -7.09
N PHE A 110 -16.64 6.13 -6.09
CA PHE A 110 -15.97 5.13 -5.27
C PHE A 110 -14.68 5.68 -4.67
N PHE A 111 -13.53 5.17 -5.09
CA PHE A 111 -12.25 5.65 -4.55
C PHE A 111 -11.76 6.95 -5.19
N MET A 112 -12.31 7.28 -6.35
CA MET A 112 -11.77 8.38 -7.16
C MET A 112 -12.50 9.71 -6.92
N LEU A 113 -12.81 10.02 -5.66
CA LEU A 113 -13.52 11.25 -5.36
C LEU A 113 -12.67 12.48 -5.68
N TRP A 114 -13.32 13.47 -6.30
CA TRP A 114 -12.66 14.70 -6.75
C TRP A 114 -12.62 15.74 -5.64
N SER A 115 -13.37 15.48 -4.57
CA SER A 115 -13.31 16.27 -3.36
C SER A 115 -13.08 15.34 -2.19
N GLY A 116 -12.38 15.82 -1.17
CA GLY A 116 -12.17 15.02 0.01
C GLY A 116 -13.27 15.12 1.07
N GLU A 117 -14.23 16.02 0.87
CA GLU A 117 -15.10 16.43 1.99
C GLU A 117 -15.90 15.28 2.62
N THR A 118 -16.30 14.29 1.82
CA THR A 118 -17.10 13.19 2.37
C THR A 118 -16.30 11.99 2.87
N MET A 119 -14.98 12.00 2.66
CA MET A 119 -14.17 10.85 3.08
C MET A 119 -14.12 10.79 4.61
N THR A 120 -14.04 9.57 5.13
CA THR A 120 -14.06 9.37 6.56
C THR A 120 -12.83 10.03 7.21
N ASN A 121 -11.69 9.99 6.52
CA ASN A 121 -10.48 10.61 7.05
C ASN A 121 -10.65 12.12 7.18
N THR A 122 -11.22 12.75 6.14
CA THR A 122 -11.47 14.18 6.15
C THR A 122 -12.40 14.59 7.28
N GLN A 123 -13.43 13.80 7.51
CA GLN A 123 -14.39 14.12 8.55
C GLN A 123 -13.73 14.02 9.93
N LEU A 124 -12.91 12.99 10.10
CA LEU A 124 -12.20 12.76 11.36
C LEU A 124 -11.29 13.94 11.68
N TRP A 125 -10.62 14.44 10.64
CA TRP A 125 -9.63 15.49 10.80
C TRP A 125 -10.19 16.89 10.70
N ALA A 126 -11.48 17.03 10.42
CA ALA A 126 -12.07 18.34 10.16
C ALA A 126 -11.77 19.43 11.21
N PRO A 127 -11.70 19.07 12.51
CA PRO A 127 -11.47 20.19 13.44
C PRO A 127 -10.13 20.89 13.28
N VAL A 128 -9.14 20.23 12.68
CA VAL A 128 -7.84 20.89 12.47
C VAL A 128 -7.96 21.93 11.36
N GLY A 129 -8.89 21.70 10.43
CA GLY A 129 -9.15 22.67 9.38
C GLY A 129 -8.11 22.71 8.28
N LEU A 130 -7.36 21.61 8.11
CA LEU A 130 -6.28 21.61 7.12
C LEU A 130 -6.82 21.78 5.71
N ASP A 131 -8.03 21.28 5.46
CA ASP A 131 -8.60 21.38 4.13
C ASP A 131 -9.34 22.70 3.91
N ARG A 132 -9.47 23.51 4.96
CA ARG A 132 -10.15 24.81 4.85
C ARG A 132 -9.18 26.00 4.89
N ARG A 133 -8.06 25.84 5.58
CA ARG A 133 -7.06 26.89 5.75
C ARG A 133 -6.33 27.16 4.44
N PRO A 134 -6.16 28.45 4.07
CA PRO A 134 -5.37 28.80 2.89
C PRO A 134 -3.96 28.20 2.93
N PRO A 135 -3.38 27.91 1.76
CA PRO A 135 -2.02 27.37 1.74
C PRO A 135 -1.03 28.23 2.52
N ASP A 136 -0.12 27.59 3.25
CA ASP A 136 0.95 28.33 3.93
C ASP A 136 2.22 28.35 3.07
N THR A 137 2.21 27.55 2.01
CA THR A 137 3.32 27.52 1.07
C THR A 137 2.81 27.70 -0.35
N THR A 138 3.36 28.66 -1.07
CA THR A 138 3.00 28.84 -2.47
C THR A 138 4.22 28.72 -3.39
N ASP A 139 5.40 28.63 -2.77
CA ASP A 139 6.66 28.44 -3.49
C ASP A 139 6.70 27.08 -4.18
N PRO A 140 6.75 27.07 -5.53
CA PRO A 140 6.73 25.78 -6.23
C PRO A 140 7.92 24.88 -5.92
N VAL A 141 9.08 25.47 -5.61
CA VAL A 141 10.23 24.64 -5.30
C VAL A 141 9.99 23.86 -4.01
N GLU A 142 9.59 24.53 -2.94
CA GLU A 142 9.29 23.80 -1.71
C GLU A 142 8.13 22.82 -1.86
N LEU A 143 7.09 23.23 -2.59
CA LEU A 143 5.93 22.38 -2.78
C LEU A 143 6.31 21.11 -3.52
N THR A 144 7.21 21.23 -4.49
CA THR A 144 7.61 20.07 -5.28
C THR A 144 8.36 19.08 -4.39
N ASN A 145 9.23 19.59 -3.52
CA ASN A 145 9.93 18.72 -2.60
C ASN A 145 8.97 18.04 -1.61
N TYR A 146 8.06 18.81 -1.03
CA TYR A 146 7.04 18.25 -0.12
C TYR A 146 6.19 17.18 -0.80
N VAL A 147 5.62 17.51 -1.96
CA VAL A 147 4.68 16.59 -2.59
C VAL A 147 5.40 15.33 -3.09
N LYS A 148 6.65 15.44 -3.52
CA LYS A 148 7.36 14.25 -3.95
C LYS A 148 7.71 13.36 -2.77
N PHE A 149 8.09 13.96 -1.64
CA PHE A 149 8.33 13.18 -0.41
C PHE A 149 7.06 12.41 -0.06
N ALA A 150 5.94 13.13 -0.02
CA ALA A 150 4.63 12.51 0.23
C ALA A 150 4.36 11.38 -0.76
N ALA A 151 4.70 11.59 -2.02
CA ALA A 151 4.44 10.59 -3.07
C ALA A 151 5.21 9.28 -2.80
N ARG A 152 6.44 9.40 -2.31
CA ARG A 152 7.22 8.20 -2.01
C ARG A 152 6.63 7.47 -0.81
N MET A 153 6.22 8.23 0.20
CA MET A 153 5.52 7.65 1.36
C MET A 153 4.27 6.91 0.90
N ALA A 154 3.64 7.43 -0.14
CA ALA A 154 2.37 6.89 -0.64
C ALA A 154 2.54 5.71 -1.60
N GLY A 155 3.78 5.26 -1.78
CA GLY A 155 4.01 4.04 -2.53
C GLY A 155 4.49 4.17 -3.96
N ALA A 156 4.78 5.39 -4.39
CA ALA A 156 5.37 5.58 -5.71
C ALA A 156 6.83 5.15 -5.70
N ASP A 157 7.24 4.41 -6.73
CA ASP A 157 8.64 4.11 -6.91
C ASP A 157 9.31 5.18 -7.77
N LEU A 158 8.52 5.78 -8.65
CA LEU A 158 8.95 6.93 -9.48
C LEU A 158 7.92 8.03 -9.35
N VAL A 159 8.36 9.30 -9.33
CA VAL A 159 7.39 10.39 -9.39
C VAL A 159 7.94 11.52 -10.22
N GLY A 160 7.07 12.14 -11.01
CA GLY A 160 7.49 13.26 -11.84
C GLY A 160 6.34 14.24 -11.97
N VAL A 161 6.66 15.46 -12.38
CA VAL A 161 5.66 16.52 -12.51
C VAL A 161 5.71 17.08 -13.92
N ALA A 162 4.54 17.31 -14.52
CA ALA A 162 4.49 18.04 -15.79
C ALA A 162 3.39 19.09 -15.75
N ARG A 163 3.49 20.10 -16.60
CA ARG A 163 2.33 20.91 -16.91
C ARG A 163 1.29 20.01 -17.55
N LEU A 164 0.02 20.25 -17.23
CA LEU A 164 -1.07 19.44 -17.77
C LEU A 164 -1.32 19.75 -19.26
N ASN A 165 -1.09 18.76 -20.11
CA ASN A 165 -1.38 18.90 -21.53
C ASN A 165 -2.78 18.35 -21.76
N ARG A 166 -3.71 19.22 -22.14
CA ARG A 166 -5.11 18.82 -22.22
C ARG A 166 -5.37 17.88 -23.38
N ASN A 167 -4.43 17.80 -24.32
CA ASN A 167 -4.53 16.87 -25.44
C ASN A 167 -4.73 15.44 -24.97
N TRP A 168 -4.17 15.12 -23.78
CA TRP A 168 -4.20 13.75 -23.27
C TRP A 168 -5.34 13.50 -22.30
N VAL A 169 -6.11 14.53 -21.99
CA VAL A 169 -7.27 14.36 -21.13
C VAL A 169 -8.43 13.89 -22.01
N TYR A 170 -9.12 12.83 -21.59
CA TYR A 170 -10.22 12.31 -22.37
C TYR A 170 -11.25 13.42 -22.62
N SER A 171 -11.78 13.46 -23.83
CA SER A 171 -12.81 14.43 -24.17
C SER A 171 -14.06 14.14 -23.34
N GLU A 172 -14.33 12.86 -23.15
CA GLU A 172 -15.48 12.39 -22.40
C GLU A 172 -15.04 11.17 -21.62
N ALA A 173 -15.48 11.07 -20.37
CA ALA A 173 -15.13 9.90 -19.57
C ALA A 173 -16.21 8.85 -19.68
N VAL A 174 -15.86 7.61 -19.39
CA VAL A 174 -16.82 6.56 -19.05
C VAL A 174 -17.06 6.59 -17.53
N THR A 175 -18.33 6.60 -17.15
CA THR A 175 -18.68 6.70 -15.75
C THR A 175 -20.07 6.09 -15.55
N ILE A 176 -20.62 6.26 -14.35
CA ILE A 176 -21.97 5.81 -14.06
C ILE A 176 -22.71 6.96 -13.39
N PRO A 177 -24.04 7.01 -13.52
CA PRO A 177 -24.76 8.06 -12.80
C PRO A 177 -24.52 7.95 -11.29
N ALA A 178 -24.66 9.06 -10.58
CA ALA A 178 -24.29 9.11 -9.17
C ALA A 178 -25.27 8.35 -8.27
N ASP A 179 -26.42 7.97 -8.80
CA ASP A 179 -27.40 7.25 -7.98
C ASP A 179 -27.37 5.74 -8.25
N VAL A 180 -26.45 5.30 -9.11
CA VAL A 180 -26.33 3.90 -9.44
C VAL A 180 -25.37 3.19 -8.47
N PRO A 181 -25.86 2.12 -7.81
CA PRO A 181 -25.08 1.32 -6.86
C PRO A 181 -24.10 0.42 -7.58
N TYR A 182 -23.09 -0.08 -6.86
CA TYR A 182 -22.02 -0.85 -7.51
C TYR A 182 -22.55 -2.02 -8.34
N GLU A 183 -23.50 -2.74 -7.77
CA GLU A 183 -24.02 -3.97 -8.39
C GLU A 183 -24.54 -3.74 -9.81
N GLN A 184 -24.94 -2.51 -10.12
CA GLN A 184 -25.46 -2.19 -11.44
C GLN A 184 -24.49 -1.40 -12.32
N SER A 185 -23.27 -1.18 -11.83
CA SER A 185 -22.32 -0.29 -12.49
C SER A 185 -22.03 -0.69 -13.94
N LEU A 186 -21.65 -1.94 -14.17
CA LEU A 186 -21.32 -2.39 -15.51
C LEU A 186 -22.50 -2.25 -16.48
N HIS A 187 -23.71 -2.49 -15.98
CA HIS A 187 -24.94 -2.34 -16.77
C HIS A 187 -25.27 -0.91 -17.15
N LYS A 188 -24.85 0.05 -16.35
CA LYS A 188 -25.34 1.42 -16.46
C LYS A 188 -24.28 2.46 -16.84
N GLU A 189 -23.15 2.01 -17.38
CA GLU A 189 -22.12 2.96 -17.80
C GLU A 189 -22.63 3.95 -18.84
N ILE A 190 -22.18 5.20 -18.70
CA ILE A 190 -22.49 6.29 -19.62
C ILE A 190 -21.22 7.05 -20.02
N GLU A 191 -21.35 7.96 -20.97
CA GLU A 191 -20.29 8.92 -21.27
C GLU A 191 -20.62 10.23 -20.60
N LYS A 192 -19.60 10.96 -20.16
CA LYS A 192 -19.83 12.28 -19.60
C LYS A 192 -18.65 13.17 -19.94
N PRO A 193 -18.92 14.35 -20.50
CA PRO A 193 -17.83 15.24 -20.93
C PRO A 193 -16.95 15.73 -19.79
N ILE A 194 -15.65 15.81 -20.05
CA ILE A 194 -14.71 16.45 -19.14
C ILE A 194 -14.40 17.83 -19.73
N VAL A 195 -14.78 18.89 -19.02
CA VAL A 195 -14.58 20.23 -19.55
C VAL A 195 -13.73 21.07 -18.59
N PHE A 196 -13.12 22.11 -19.14
CA PHE A 196 -12.35 23.05 -18.34
C PHE A 196 -13.07 24.39 -18.29
N LYS A 197 -13.29 24.89 -17.07
CA LYS A 197 -14.07 26.10 -16.89
C LYS A 197 -13.50 26.96 -15.76
N ASP A 198 -13.90 28.24 -15.74
CA ASP A 198 -13.48 29.15 -14.70
C ASP A 198 -14.29 28.95 -13.43
N VAL A 199 -13.90 27.94 -12.66
CA VAL A 199 -14.52 27.62 -11.39
C VAL A 199 -13.42 27.45 -10.34
N PRO A 200 -13.75 27.65 -9.06
CA PRO A 200 -12.69 27.56 -8.05
C PRO A 200 -12.23 26.13 -7.80
N LEU A 201 -13.13 25.17 -7.94
CA LEU A 201 -12.86 23.80 -7.51
C LEU A 201 -13.36 22.78 -8.52
N PRO A 202 -12.70 21.60 -8.58
CA PRO A 202 -13.23 20.51 -9.40
C PRO A 202 -14.64 20.16 -8.95
N ILE A 203 -15.57 20.06 -9.90
CA ILE A 203 -16.97 19.89 -9.55
C ILE A 203 -17.64 19.01 -10.62
N GLU A 204 -18.65 18.25 -10.22
CA GLU A 204 -19.41 17.47 -11.18
C GLU A 204 -20.87 17.90 -11.16
N THR A 205 -21.42 18.19 -12.33
CA THR A 205 -22.84 18.49 -12.44
C THR A 205 -23.52 17.31 -13.11
N ASP A 206 -24.82 17.43 -13.34
CA ASP A 206 -25.57 16.39 -14.04
C ASP A 206 -25.02 16.14 -15.44
N ASP A 207 -24.50 17.18 -16.08
CA ASP A 207 -24.11 17.10 -17.49
C ASP A 207 -22.61 16.97 -17.71
N GLU A 208 -21.80 17.42 -16.75
CA GLU A 208 -20.37 17.60 -17.01
C GLU A 208 -19.47 17.31 -15.82
N LEU A 209 -18.27 16.83 -16.12
CA LEU A 209 -17.17 16.78 -15.17
C LEU A 209 -16.33 18.04 -15.40
N ILE A 210 -16.26 18.92 -14.41
CA ILE A 210 -15.64 20.22 -14.64
C ILE A 210 -14.33 20.32 -13.89
N ILE A 211 -13.26 20.52 -14.65
CA ILE A 211 -11.93 20.73 -14.11
C ILE A 211 -11.64 22.22 -14.20
N PRO A 212 -11.12 22.82 -13.12
CA PRO A 212 -10.86 24.25 -13.20
C PRO A 212 -9.74 24.60 -14.17
N ASN A 213 -9.85 25.78 -14.79
CA ASN A 213 -8.77 26.29 -15.62
C ASN A 213 -7.49 26.47 -14.83
N THR A 214 -7.60 26.57 -13.51
CA THR A 214 -6.43 26.68 -12.64
C THR A 214 -5.68 25.37 -12.45
N CYS A 215 -6.18 24.29 -13.05
CA CYS A 215 -5.57 22.97 -12.83
C CYS A 215 -4.34 22.83 -13.70
N GLU A 216 -3.24 23.39 -13.21
CA GLU A 216 -2.04 23.63 -14.01
C GLU A 216 -1.17 22.38 -14.26
N ASN A 217 -1.11 21.52 -13.25
CA ASN A 217 -0.11 20.46 -13.20
C ASN A 217 -0.66 19.06 -13.09
N VAL A 218 0.11 18.09 -13.57
CA VAL A 218 -0.16 16.69 -13.31
C VAL A 218 1.07 16.07 -12.62
N ILE A 219 0.81 15.28 -11.60
CA ILE A 219 1.83 14.53 -10.89
C ILE A 219 1.68 13.07 -11.29
N VAL A 220 2.73 12.47 -11.85
CA VAL A 220 2.66 11.10 -12.37
C VAL A 220 3.49 10.17 -11.51
N ALA A 221 2.93 9.03 -11.14
CA ALA A 221 3.66 8.07 -10.30
C ALA A 221 3.89 6.78 -11.04
N GLY A 222 5.06 6.18 -10.83
CA GLY A 222 5.31 4.84 -11.31
C GLY A 222 5.27 3.88 -10.14
N ILE A 223 4.52 2.80 -10.32
CA ILE A 223 4.36 1.75 -9.30
C ILE A 223 4.99 0.45 -9.81
N ALA A 224 6.12 0.06 -9.24
CA ALA A 224 6.90 -1.03 -9.83
C ALA A 224 6.25 -2.38 -9.64
N MET A 225 6.16 -3.14 -10.74
CA MET A 225 5.69 -4.53 -10.65
C MET A 225 6.86 -5.46 -10.35
N ASN A 226 6.57 -6.72 -10.13
CA ASN A 226 7.63 -7.64 -9.74
C ASN A 226 8.13 -8.36 -10.97
N ARG A 227 9.45 -8.31 -11.20
CA ARG A 227 10.04 -8.88 -12.41
C ARG A 227 9.83 -10.40 -12.54
N GLU A 228 10.10 -11.15 -11.48
CA GLU A 228 9.96 -12.62 -11.54
C GLU A 228 8.53 -13.03 -11.90
N MET A 229 7.56 -12.35 -11.31
CA MET A 229 6.16 -12.63 -11.57
C MET A 229 5.73 -12.23 -12.99
N MET A 230 6.16 -11.06 -13.45
CA MET A 230 5.78 -10.61 -14.79
C MET A 230 6.39 -11.50 -15.85
N GLN A 231 7.57 -12.05 -15.60
CA GLN A 231 8.19 -12.90 -16.62
C GLN A 231 7.53 -14.26 -16.73
N THR A 232 6.52 -14.53 -15.90
CA THR A 232 5.67 -15.69 -16.15
C THR A 232 4.54 -15.37 -17.14
N ALA A 233 4.48 -14.15 -17.66
CA ALA A 233 3.45 -13.80 -18.65
C ALA A 233 3.41 -14.84 -19.78
N PRO A 234 2.20 -15.26 -20.20
CA PRO A 234 0.88 -14.70 -19.88
C PRO A 234 0.18 -15.44 -18.75
N ASN A 235 0.94 -16.14 -17.92
CA ASN A 235 0.36 -17.00 -16.90
C ASN A 235 -0.02 -16.26 -15.61
N SER A 236 -0.50 -17.00 -14.61
CA SER A 236 -1.26 -16.36 -13.53
C SER A 236 -0.44 -15.41 -12.66
N MET A 237 0.84 -15.69 -12.45
CA MET A 237 1.56 -14.82 -11.54
C MET A 237 1.82 -13.43 -12.14
N ALA A 238 1.86 -13.33 -13.48
CA ALA A 238 1.93 -12.03 -14.14
C ALA A 238 0.64 -11.27 -13.89
N CYS A 239 -0.49 -11.99 -13.87
CA CYS A 239 -1.75 -11.35 -13.54
C CYS A 239 -1.77 -10.86 -12.09
N ALA A 240 -1.13 -11.60 -11.18
CA ALA A 240 -1.11 -11.22 -9.76
C ALA A 240 -0.29 -9.94 -9.49
N THR A 241 0.90 -9.81 -10.06
CA THR A 241 1.63 -8.58 -9.84
C THR A 241 0.92 -7.37 -10.46
N THR A 242 0.34 -7.56 -11.64
CA THR A 242 -0.53 -6.54 -12.24
C THR A 242 -1.64 -6.11 -11.26
N ALA A 243 -2.39 -7.09 -10.74
CA ALA A 243 -3.50 -6.80 -9.85
C ALA A 243 -3.10 -6.03 -8.57
N PHE A 244 -2.05 -6.49 -7.88
CA PHE A 244 -1.65 -5.84 -6.63
C PHE A 244 -1.24 -4.39 -6.91
N CYS A 245 -0.64 -4.17 -8.07
CA CYS A 245 -0.19 -2.82 -8.37
C CYS A 245 -1.34 -1.88 -8.69
N TYR A 246 -2.47 -2.39 -9.20
CA TYR A 246 -3.65 -1.55 -9.31
C TYR A 246 -4.16 -1.08 -7.94
N SER A 247 -4.12 -1.96 -6.94
CA SER A 247 -4.56 -1.55 -5.62
C SER A 247 -3.56 -0.55 -5.04
N ARG A 248 -2.27 -0.74 -5.33
CA ARG A 248 -1.26 0.22 -4.90
C ARG A 248 -1.50 1.59 -5.55
N MET A 249 -1.89 1.61 -6.82
CA MET A 249 -2.24 2.85 -7.52
C MET A 249 -3.33 3.61 -6.80
N CYS A 250 -4.37 2.89 -6.43
CA CYS A 250 -5.51 3.50 -5.77
C CYS A 250 -5.09 4.13 -4.44
N MET A 251 -4.32 3.40 -3.65
N MET A 251 -4.35 3.38 -3.65
CA MET A 251 -3.91 3.94 -2.35
CA MET A 251 -3.84 3.90 -2.37
C MET A 251 -2.95 5.13 -2.54
C MET A 251 -3.03 5.16 -2.60
N PHE A 252 -2.17 5.12 -3.61
CA PHE A 252 -1.34 6.27 -3.93
C PHE A 252 -2.19 7.51 -4.20
N ASP A 253 -3.16 7.37 -5.10
CA ASP A 253 -4.01 8.50 -5.46
C ASP A 253 -4.69 9.10 -4.22
N MET A 254 -5.27 8.24 -3.39
CA MET A 254 -6.03 8.74 -2.25
C MET A 254 -5.12 9.40 -1.24
N TRP A 255 -4.02 8.72 -0.91
CA TRP A 255 -3.03 9.33 -0.03
C TRP A 255 -2.55 10.70 -0.52
N LEU A 256 -2.15 10.76 -1.80
CA LEU A 256 -1.54 12.00 -2.29
C LEU A 256 -2.59 13.09 -2.43
N CYS A 257 -3.81 12.74 -2.87
CA CYS A 257 -4.86 13.75 -2.99
C CYS A 257 -5.18 14.38 -1.64
N GLN A 258 -5.24 13.55 -0.61
CA GLN A 258 -5.49 14.04 0.74
C GLN A 258 -4.34 14.94 1.22
N PHE A 259 -3.10 14.54 0.98
CA PHE A 259 -1.99 15.41 1.33
C PHE A 259 -2.11 16.79 0.66
N ILE A 260 -2.40 16.79 -0.65
CA ILE A 260 -2.48 18.04 -1.40
C ILE A 260 -3.62 18.91 -0.87
N ARG A 261 -4.77 18.29 -0.61
CA ARG A 261 -5.92 18.99 -0.05
C ARG A 261 -5.60 19.60 1.31
N TYR A 262 -4.91 18.82 2.13
CA TYR A 262 -4.53 19.27 3.47
C TYR A 262 -3.43 20.34 3.44
N MET A 263 -2.78 20.50 2.29
CA MET A 263 -1.83 21.58 2.05
C MET A 263 -2.54 22.83 1.56
N GLY A 264 -3.84 22.72 1.29
CA GLY A 264 -4.65 23.87 0.94
C GLY A 264 -4.92 24.04 -0.55
N TYR A 265 -4.70 22.97 -1.31
CA TYR A 265 -4.96 22.95 -2.74
C TYR A 265 -6.02 21.90 -3.06
N TYR A 266 -6.40 21.77 -4.33
CA TYR A 266 -7.34 20.71 -4.70
C TYR A 266 -6.59 19.67 -5.53
N ALA A 267 -7.17 18.47 -5.61
CA ALA A 267 -6.46 17.35 -6.20
C ALA A 267 -7.48 16.40 -6.81
N ILE A 268 -7.20 15.97 -8.03
CA ILE A 268 -8.08 15.04 -8.73
C ILE A 268 -7.36 13.73 -8.93
N PRO A 269 -7.87 12.64 -8.34
CA PRO A 269 -7.21 11.34 -8.56
C PRO A 269 -7.62 10.79 -9.92
N SER A 270 -7.02 9.68 -10.37
CA SER A 270 -7.50 9.11 -11.63
C SER A 270 -7.26 7.62 -11.89
N CYS A 271 -6.18 7.04 -11.37
CA CYS A 271 -5.81 5.67 -11.75
C CYS A 271 -5.88 5.53 -13.28
N ASN A 272 -6.68 4.61 -13.81
CA ASN A 272 -6.75 4.46 -15.27
C ASN A 272 -7.71 5.40 -15.98
N GLY A 273 -8.40 6.26 -15.21
CA GLY A 273 -9.35 7.18 -15.80
C GLY A 273 -8.75 8.52 -16.17
N VAL A 274 -9.64 9.41 -16.63
CA VAL A 274 -9.42 10.85 -16.85
C VAL A 274 -8.52 11.20 -18.03
N GLY A 275 -7.38 10.53 -18.17
CA GLY A 275 -6.49 10.80 -19.30
C GLY A 275 -5.48 9.71 -19.55
N GLN A 276 -4.69 9.90 -20.59
CA GLN A 276 -3.75 8.88 -21.05
C GLN A 276 -2.45 8.95 -20.27
N SER A 277 -2.27 7.98 -19.39
CA SER A 277 -1.12 7.93 -18.47
C SER A 277 0.23 7.92 -19.16
N VAL A 278 0.34 7.22 -20.28
CA VAL A 278 1.65 7.11 -20.94
C VAL A 278 2.09 8.47 -21.45
N ALA A 279 1.18 9.23 -22.04
CA ALA A 279 1.55 10.57 -22.52
C ALA A 279 1.99 11.46 -21.35
N PHE A 280 1.25 11.43 -20.24
CA PHE A 280 1.60 12.25 -19.09
C PHE A 280 2.97 11.85 -18.53
N ALA A 281 3.21 10.53 -18.51
CA ALA A 281 4.45 9.99 -17.97
C ALA A 281 5.65 10.43 -18.78
N VAL A 282 5.50 10.42 -20.11
CA VAL A 282 6.57 10.86 -20.99
C VAL A 282 6.83 12.35 -20.76
N GLU A 283 5.76 13.13 -20.63
CA GLU A 283 5.92 14.57 -20.44
C GLU A 283 6.49 14.92 -19.06
N ALA A 284 6.22 14.09 -18.06
CA ALA A 284 6.72 14.29 -16.72
C ALA A 284 8.12 13.69 -16.52
N GLY A 285 8.68 13.11 -17.57
CA GLY A 285 10.04 12.58 -17.55
C GLY A 285 10.30 11.24 -16.89
N LEU A 286 9.26 10.43 -16.68
CA LEU A 286 9.46 9.09 -16.09
C LEU A 286 10.20 8.18 -17.07
N GLY A 287 9.95 8.38 -18.36
CA GLY A 287 10.58 7.57 -19.37
C GLY A 287 10.15 7.98 -20.75
N GLN A 288 10.29 7.04 -21.70
CA GLN A 288 10.00 7.32 -23.11
C GLN A 288 8.93 6.38 -23.64
N ALA A 289 8.15 6.83 -24.61
CA ALA A 289 7.22 5.93 -25.27
C ALA A 289 7.98 4.86 -26.07
N SER A 290 7.32 3.75 -26.35
CA SER A 290 7.99 2.58 -26.94
C SER A 290 7.11 1.97 -28.02
N ARG A 291 7.67 0.98 -28.73
CA ARG A 291 6.93 0.27 -29.76
C ARG A 291 5.68 -0.38 -29.20
N MET A 292 5.79 -1.04 -28.05
CA MET A 292 4.62 -1.72 -27.50
C MET A 292 3.56 -0.71 -27.07
N GLY A 293 3.96 0.53 -26.81
CA GLY A 293 3.01 1.58 -26.45
C GLY A 293 3.12 2.03 -25.00
N ALA A 294 4.00 1.39 -24.25
CA ALA A 294 4.15 1.69 -22.84
C ALA A 294 5.25 2.73 -22.64
N CYS A 295 5.22 3.37 -21.48
CA CYS A 295 6.31 4.23 -21.05
C CYS A 295 7.43 3.34 -20.53
N ILE A 296 8.59 3.38 -21.18
CA ILE A 296 9.74 2.61 -20.69
C ILE A 296 10.60 3.52 -19.81
N THR A 297 10.83 3.07 -18.58
CA THR A 297 11.63 3.83 -17.60
C THR A 297 13.04 3.24 -17.48
N PRO A 298 14.02 4.07 -17.07
CA PRO A 298 15.38 3.52 -16.87
C PRO A 298 15.45 2.47 -15.76
N GLU A 299 14.62 2.63 -14.73
CA GLU A 299 14.69 1.77 -13.55
C GLU A 299 13.98 0.43 -13.75
N PHE A 300 12.87 0.45 -14.47
CA PHE A 300 12.02 -0.74 -14.52
C PHE A 300 11.65 -1.17 -15.94
N GLY A 301 12.15 -0.44 -16.93
CA GLY A 301 11.66 -0.61 -18.30
C GLY A 301 10.18 -0.35 -18.29
N PRO A 302 9.43 -1.14 -19.06
CA PRO A 302 7.97 -1.00 -19.09
C PRO A 302 7.28 -1.72 -17.93
N ASN A 303 8.05 -2.39 -17.08
CA ASN A 303 7.45 -3.21 -16.01
C ASN A 303 7.09 -2.36 -14.77
N VAL A 304 6.21 -1.38 -14.99
CA VAL A 304 5.86 -0.42 -13.96
C VAL A 304 4.48 0.09 -14.33
N ARG A 305 3.59 0.20 -13.35
CA ARG A 305 2.28 0.76 -13.58
C ARG A 305 2.31 2.27 -13.35
N LEU A 306 1.34 2.95 -13.95
CA LEU A 306 1.26 4.41 -13.88
C LEU A 306 -0.05 4.87 -13.26
N THR A 307 0.01 5.90 -12.44
CA THR A 307 -1.20 6.63 -12.07
C THR A 307 -0.83 8.11 -12.01
N LYS A 308 -1.81 8.97 -11.82
CA LYS A 308 -1.55 10.40 -11.86
C LYS A 308 -2.63 11.17 -11.10
N VAL A 309 -2.22 12.34 -10.59
CA VAL A 309 -3.06 13.24 -9.83
C VAL A 309 -2.94 14.61 -10.45
N PHE A 310 -4.08 15.29 -10.60
CA PHE A 310 -4.11 16.63 -11.22
C PHE A 310 -4.35 17.68 -10.15
N THR A 311 -3.65 18.81 -10.26
CA THR A 311 -3.72 19.79 -9.18
C THR A 311 -3.38 21.22 -9.60
N ASN A 312 -3.91 22.20 -8.84
CA ASN A 312 -3.50 23.59 -8.94
C ASN A 312 -2.29 23.96 -8.06
N MET A 313 -1.85 23.03 -7.21
CA MET A 313 -0.65 23.25 -6.42
C MET A 313 0.51 23.69 -7.31
N PRO A 314 1.11 24.84 -7.01
CA PRO A 314 2.28 25.28 -7.80
C PRO A 314 3.40 24.26 -7.69
N LEU A 315 3.98 23.89 -8.83
CA LEU A 315 5.01 22.86 -8.86
C LEU A 315 6.07 23.20 -9.90
N VAL A 316 7.26 22.60 -9.76
CA VAL A 316 8.30 22.74 -10.78
C VAL A 316 8.25 21.55 -11.73
N PRO A 317 7.96 21.78 -13.02
CA PRO A 317 7.93 20.62 -13.91
C PRO A 317 9.31 19.97 -14.06
N ASP A 318 9.31 18.64 -14.16
CA ASP A 318 10.53 17.91 -14.45
C ASP A 318 10.86 17.98 -15.93
N LYS A 319 12.11 17.67 -16.27
CA LYS A 319 12.53 17.62 -17.67
C LYS A 319 12.25 16.25 -18.27
N PRO A 320 11.82 16.21 -19.54
CA PRO A 320 11.71 14.90 -20.19
C PRO A 320 13.08 14.26 -20.36
N ILE A 321 13.11 12.96 -20.58
CA ILE A 321 14.37 12.21 -20.67
C ILE A 321 14.46 11.51 -22.01
N ASP A 322 15.68 11.43 -22.56
CA ASP A 322 15.90 10.67 -23.78
C ASP A 322 17.11 9.79 -23.56
N PHE A 323 16.86 8.51 -23.25
CA PHE A 323 17.96 7.56 -23.13
C PHE A 323 17.98 6.55 -24.27
N GLY A 324 17.48 6.96 -25.43
CA GLY A 324 17.63 6.21 -26.66
C GLY A 324 16.57 5.16 -26.92
N VAL A 325 15.46 5.20 -26.17
CA VAL A 325 14.43 4.17 -26.36
C VAL A 325 13.89 4.14 -27.80
N THR A 326 13.61 5.30 -28.38
CA THR A 326 13.03 5.34 -29.72
C THR A 326 13.90 4.60 -30.74
N GLU A 327 15.19 4.87 -30.69
CA GLU A 327 16.14 4.24 -31.59
C GLU A 327 16.29 2.73 -31.33
N PHE A 328 16.28 2.31 -30.06
CA PHE A 328 16.31 0.88 -29.75
C PHE A 328 15.08 0.17 -30.31
N CYS A 329 13.91 0.74 -30.06
CA CYS A 329 12.66 0.15 -30.53
C CYS A 329 12.61 0.04 -32.04
N GLU A 330 13.23 0.98 -32.73
CA GLU A 330 13.30 0.91 -34.19
C GLU A 330 13.94 -0.38 -34.69
N THR A 331 14.93 -0.88 -33.95
CA THR A 331 15.70 -2.03 -34.43
C THR A 331 15.44 -3.31 -33.65
N CYS A 332 14.70 -3.22 -32.56
CA CYS A 332 14.50 -4.38 -31.69
C CYS A 332 13.31 -5.25 -32.13
N LYS A 333 12.10 -4.74 -31.96
CA LYS A 333 10.86 -5.41 -32.36
C LYS A 333 10.56 -6.76 -31.68
N LYS A 334 11.21 -7.02 -30.55
N LYS A 334 11.23 -7.02 -30.55
CA LYS A 334 11.04 -8.31 -29.87
CA LYS A 334 11.04 -8.30 -29.84
C LYS A 334 9.59 -8.50 -29.38
C LYS A 334 9.60 -8.50 -29.39
N CYS A 335 8.99 -7.44 -28.85
CA CYS A 335 7.62 -7.50 -28.37
C CYS A 335 6.67 -7.81 -29.52
N ALA A 336 6.97 -7.25 -30.68
CA ALA A 336 6.17 -7.48 -31.87
C ALA A 336 6.25 -8.93 -32.33
N ARG A 337 7.44 -9.52 -32.24
CA ARG A 337 7.62 -10.90 -32.68
C ARG A 337 7.02 -11.92 -31.71
N GLU A 338 6.97 -11.55 -30.42
CA GLU A 338 6.52 -12.49 -29.39
C GLU A 338 5.05 -12.32 -29.02
N CYS A 339 4.46 -11.19 -29.40
CA CYS A 339 3.05 -10.93 -29.10
C CYS A 339 2.14 -12.06 -29.60
N PRO A 340 1.43 -12.73 -28.68
CA PRO A 340 0.58 -13.87 -29.06
C PRO A 340 -0.60 -13.49 -29.94
N SER A 341 -0.89 -12.21 -30.09
CA SER A 341 -2.01 -11.81 -30.95
C SER A 341 -1.57 -11.02 -32.19
N LYS A 342 -0.25 -10.83 -32.37
CA LYS A 342 0.30 -9.97 -33.42
C LYS A 342 -0.32 -8.56 -33.40
N ALA A 343 -0.55 -8.04 -32.20
CA ALA A 343 -1.19 -6.74 -32.01
C ALA A 343 -0.23 -5.58 -32.23
N ILE A 344 1.06 -5.83 -31.99
CA ILE A 344 2.07 -4.78 -32.01
C ILE A 344 2.74 -4.70 -33.39
N THR A 345 2.78 -3.50 -33.95
CA THR A 345 3.31 -3.32 -35.30
C THR A 345 4.83 -3.52 -35.38
N GLU A 346 5.30 -4.04 -36.50
CA GLU A 346 6.74 -4.11 -36.75
C GLU A 346 7.17 -2.98 -37.66
N GLY A 347 6.22 -2.13 -38.04
CA GLY A 347 6.51 -1.05 -38.96
C GLY A 347 6.92 0.23 -38.26
N PRO A 348 7.05 1.32 -39.03
CA PRO A 348 7.45 2.62 -38.49
C PRO A 348 6.33 3.35 -37.78
N ARG A 349 6.69 4.39 -37.03
CA ARG A 349 5.71 5.28 -36.40
C ARG A 349 4.96 6.09 -37.45
N THR A 350 3.69 6.37 -37.17
CA THR A 350 2.89 7.23 -38.04
C THR A 350 2.00 8.12 -37.18
N PHE A 351 1.32 9.06 -37.84
CA PHE A 351 0.33 9.91 -37.18
C PHE A 351 -1.10 9.41 -37.37
N GLU A 352 -1.27 8.29 -38.08
CA GLU A 352 -2.60 7.80 -38.39
C GLU A 352 -2.98 6.57 -37.57
N GLY A 353 -4.07 6.69 -36.81
CA GLY A 353 -4.54 5.61 -35.97
C GLY A 353 -4.80 4.37 -36.81
N ARG A 354 -4.49 3.22 -36.24
CA ARG A 354 -4.73 1.94 -36.90
C ARG A 354 -6.23 1.62 -36.87
N SER A 355 -6.87 2.04 -35.79
CA SER A 355 -8.31 1.87 -35.64
C SER A 355 -8.87 2.86 -34.63
N ILE A 356 -10.14 2.70 -34.30
CA ILE A 356 -10.83 3.63 -33.42
C ILE A 356 -10.14 3.70 -32.05
N HIS A 357 -9.43 2.64 -31.67
CA HIS A 357 -8.83 2.59 -30.35
C HIS A 357 -7.60 3.49 -30.20
N ASN A 358 -7.01 3.90 -31.32
CA ASN A 358 -5.84 4.78 -31.31
C ASN A 358 -6.25 6.25 -31.47
N GLN A 359 -5.54 7.13 -30.78
CA GLN A 359 -5.70 8.56 -31.01
C GLN A 359 -4.78 9.04 -32.13
N SER A 360 -5.36 9.40 -33.26
CA SER A 360 -4.59 9.95 -34.38
C SER A 360 -4.05 11.33 -34.08
N GLY A 361 -3.02 11.75 -34.80
CA GLY A 361 -2.48 13.09 -34.64
C GLY A 361 -1.25 13.20 -33.77
N LYS A 362 -0.75 12.07 -33.29
CA LYS A 362 0.49 12.06 -32.51
C LYS A 362 1.39 10.93 -33.04
N LEU A 363 2.69 11.20 -33.14
CA LEU A 363 3.59 10.22 -33.75
C LEU A 363 3.89 9.08 -32.78
N GLN A 364 3.47 7.88 -33.14
CA GLN A 364 3.64 6.73 -32.27
C GLN A 364 3.61 5.46 -33.09
N TRP A 365 4.06 4.35 -32.49
CA TRP A 365 3.83 3.05 -33.11
C TRP A 365 2.35 2.71 -32.90
N GLN A 366 1.65 2.43 -34.00
CA GLN A 366 0.21 2.21 -33.97
C GLN A 366 -0.10 0.71 -33.86
N ASN A 367 -0.64 0.31 -32.72
CA ASN A 367 -0.90 -1.09 -32.45
C ASN A 367 -2.39 -1.43 -32.53
N ASP A 368 -2.71 -2.68 -32.85
CA ASP A 368 -4.12 -3.11 -32.91
C ASP A 368 -4.56 -3.62 -31.54
N TYR A 369 -5.22 -2.77 -30.76
CA TYR A 369 -5.52 -3.10 -29.37
C TYR A 369 -6.75 -3.98 -29.22
N ASN A 370 -7.48 -4.15 -30.31
CA ASN A 370 -8.58 -5.12 -30.29
C ASN A 370 -8.01 -6.54 -30.35
N LYS A 371 -6.94 -6.73 -31.11
CA LYS A 371 -6.24 -8.00 -31.13
C LYS A 371 -5.63 -8.32 -29.76
N CYS A 372 -5.04 -7.33 -29.12
CA CYS A 372 -4.52 -7.54 -27.77
C CYS A 372 -5.61 -8.04 -26.84
N LEU A 373 -6.72 -7.33 -26.77
CA LEU A 373 -7.77 -7.69 -25.83
C LEU A 373 -8.31 -9.07 -26.13
N GLY A 374 -8.37 -9.44 -27.41
CA GLY A 374 -8.84 -10.75 -27.80
C GLY A 374 -8.05 -11.90 -27.20
N TYR A 375 -6.76 -11.70 -26.95
CA TYR A 375 -5.93 -12.75 -26.37
C TYR A 375 -6.19 -12.95 -24.88
N TRP A 376 -6.81 -11.96 -24.23
CA TRP A 376 -6.99 -12.06 -22.79
C TRP A 376 -7.98 -13.18 -22.38
N PRO A 377 -9.15 -13.28 -23.04
CA PRO A 377 -9.97 -14.45 -22.69
C PRO A 377 -9.35 -15.78 -23.11
N GLU A 378 -8.60 -15.77 -24.21
N GLU A 378 -8.61 -15.78 -24.22
CA GLU A 378 -7.92 -16.96 -24.72
CA GLU A 378 -7.93 -16.98 -24.69
C GLU A 378 -6.88 -17.49 -23.72
C GLU A 378 -6.93 -17.49 -23.66
N SER A 379 -6.22 -16.57 -23.02
CA SER A 379 -5.16 -16.93 -22.08
C SER A 379 -5.64 -16.90 -20.64
N GLY A 380 -6.81 -16.31 -20.41
CA GLY A 380 -7.40 -16.23 -19.08
C GLY A 380 -6.69 -15.27 -18.14
N GLY A 381 -6.18 -14.16 -18.69
CA GLY A 381 -5.48 -13.19 -17.86
C GLY A 381 -5.31 -11.86 -18.56
N TYR A 382 -4.23 -11.12 -18.24
CA TYR A 382 -3.98 -9.80 -18.82
C TYR A 382 -2.70 -9.84 -19.61
N CYS A 383 -2.33 -11.06 -20.02
CA CYS A 383 -1.14 -11.33 -20.84
C CYS A 383 0.10 -10.66 -20.26
N GLY A 384 0.61 -9.63 -20.94
CA GLY A 384 1.83 -8.96 -20.52
C GLY A 384 3.12 -9.49 -21.13
N VAL A 385 3.01 -10.35 -22.15
CA VAL A 385 4.20 -10.94 -22.76
C VAL A 385 5.12 -9.85 -23.28
N CYS A 386 4.54 -8.79 -23.84
CA CYS A 386 5.35 -7.68 -24.38
C CYS A 386 6.25 -7.08 -23.29
N VAL A 387 5.67 -6.77 -22.13
CA VAL A 387 6.43 -6.27 -20.99
C VAL A 387 7.48 -7.29 -20.54
N ALA A 388 7.10 -8.55 -20.46
CA ALA A 388 8.00 -9.61 -20.00
C ALA A 388 9.24 -9.78 -20.87
N VAL A 389 9.08 -9.65 -22.19
CA VAL A 389 10.22 -9.93 -23.07
C VAL A 389 11.04 -8.69 -23.42
N CYS A 390 10.52 -7.52 -23.07
CA CYS A 390 11.25 -6.27 -23.38
C CYS A 390 12.61 -6.25 -22.71
N PRO A 391 13.67 -5.98 -23.48
CA PRO A 391 15.01 -5.95 -22.88
C PRO A 391 15.11 -4.97 -21.72
N PHE A 392 14.35 -3.89 -21.76
CA PHE A 392 14.42 -2.89 -20.70
C PHE A 392 13.80 -3.38 -19.40
N THR A 393 13.08 -4.51 -19.44
CA THR A 393 12.51 -5.09 -18.22
C THR A 393 13.57 -5.84 -17.42
N LYS A 394 14.67 -6.22 -18.07
CA LYS A 394 15.75 -6.97 -17.41
C LYS A 394 16.42 -6.15 -16.31
N GLY A 395 16.88 -6.83 -15.27
CA GLY A 395 17.39 -6.18 -14.07
C GLY A 395 18.68 -5.37 -14.17
N ASN A 396 19.65 -5.86 -14.92
CA ASN A 396 20.95 -5.19 -14.95
C ASN A 396 21.33 -4.70 -16.34
N ILE A 397 20.55 -3.77 -16.86
CA ILE A 397 20.74 -3.32 -18.23
C ILE A 397 21.74 -2.16 -18.30
N TRP A 398 21.99 -1.50 -17.18
CA TRP A 398 22.87 -0.32 -17.19
C TRP A 398 24.32 -0.66 -16.84
N ILE A 399 25.23 -0.18 -17.67
CA ILE A 399 26.66 -0.31 -17.42
C ILE A 399 27.34 1.05 -17.62
N HIS A 400 28.54 1.20 -17.08
CA HIS A 400 29.30 2.43 -17.21
C HIS A 400 30.58 2.07 -17.94
N ASP A 401 30.93 2.84 -18.96
CA ASP A 401 32.07 2.46 -19.79
C ASP A 401 33.34 3.22 -19.43
N GLY A 402 33.36 3.80 -18.23
CA GLY A 402 34.50 4.60 -17.79
C GLY A 402 34.28 6.08 -18.00
N VAL A 403 33.42 6.42 -18.97
CA VAL A 403 33.12 7.82 -19.26
C VAL A 403 31.67 8.15 -18.92
N GLU A 404 30.75 7.29 -19.33
CA GLU A 404 29.34 7.56 -19.11
C GLU A 404 28.52 6.29 -19.01
N TRP A 405 27.25 6.45 -18.67
CA TRP A 405 26.34 5.32 -18.59
C TRP A 405 25.81 4.99 -19.97
N LEU A 406 25.53 3.70 -20.16
CA LEU A 406 24.93 3.23 -21.40
C LEU A 406 24.21 1.92 -21.17
N ILE A 407 23.35 1.60 -22.11
CA ILE A 407 22.66 0.32 -22.09
C ILE A 407 23.62 -0.79 -22.50
N ASP A 408 23.63 -1.87 -21.72
CA ASP A 408 24.41 -3.06 -22.05
C ASP A 408 23.72 -3.84 -23.18
N ASN A 409 24.14 -3.59 -24.42
CA ASN A 409 23.44 -4.05 -25.62
C ASN A 409 23.45 -5.56 -25.85
N THR A 410 24.10 -6.29 -24.96
CA THR A 410 24.01 -7.75 -24.96
C THR A 410 22.54 -8.21 -25.00
N ARG A 411 21.66 -7.44 -24.38
CA ARG A 411 20.23 -7.75 -24.37
C ARG A 411 19.50 -7.05 -25.50
N ASN A 431 9.92 -21.53 -13.58
CA ASN A 431 8.47 -21.67 -13.72
C ASN A 431 7.74 -21.09 -12.51
N ILE A 432 6.43 -21.33 -12.46
CA ILE A 432 5.62 -20.71 -11.43
C ILE A 432 5.83 -21.35 -10.03
N THR A 433 6.08 -22.65 -9.98
CA THR A 433 6.41 -23.26 -8.69
C THR A 433 7.66 -22.60 -8.12
N GLU A 434 8.65 -22.39 -9.00
CA GLU A 434 9.90 -21.75 -8.61
C GLU A 434 9.69 -20.33 -8.11
N VAL A 435 8.72 -19.63 -8.71
CA VAL A 435 8.37 -18.28 -8.23
C VAL A 435 7.75 -18.33 -6.83
N TRP A 436 6.81 -19.25 -6.63
CA TRP A 436 6.18 -19.41 -5.33
C TRP A 436 7.18 -19.81 -4.25
N ASP A 437 8.23 -20.53 -4.65
CA ASP A 437 9.24 -21.03 -3.71
C ASP A 437 10.46 -20.09 -3.65
N GLY A 438 10.44 -19.05 -4.45
CA GLY A 438 11.64 -18.24 -4.64
C GLY A 438 11.62 -16.91 -3.92
N LYS A 439 12.48 -16.01 -4.40
CA LYS A 439 12.65 -14.69 -3.80
C LYS A 439 11.42 -13.79 -3.82
N ILE A 440 11.11 -13.22 -2.67
CA ILE A 440 10.08 -12.18 -2.58
C ILE A 440 10.47 -11.24 -1.46
N ASN A 441 9.91 -10.03 -1.46
CA ASN A 441 10.18 -9.06 -0.41
C ASN A 441 8.94 -8.16 -0.39
N THR A 442 8.96 -7.16 0.48
CA THR A 442 7.76 -6.37 0.72
C THR A 442 7.24 -5.70 -0.55
N TYR A 443 5.94 -5.83 -0.79
CA TYR A 443 5.26 -5.35 -2.00
C TYR A 443 5.85 -5.89 -3.30
N GLY A 444 6.62 -6.96 -3.20
CA GLY A 444 7.23 -7.54 -4.38
C GLY A 444 8.42 -6.74 -4.89
N LEU A 445 8.85 -5.77 -4.08
CA LEU A 445 10.05 -5.00 -4.44
C LEU A 445 11.31 -5.87 -4.26
N ASP A 446 12.38 -5.49 -4.96
CA ASP A 446 13.59 -6.30 -5.00
C ASP A 446 14.74 -5.53 -4.37
N ALA A 447 15.24 -5.99 -3.24
CA ALA A 447 16.31 -5.28 -2.56
C ALA A 447 17.59 -5.19 -3.39
N ASP A 448 17.74 -6.08 -4.36
CA ASP A 448 18.93 -6.05 -5.23
C ASP A 448 18.94 -4.77 -6.06
N HIS A 449 17.78 -4.13 -6.21
CA HIS A 449 17.68 -2.93 -7.05
C HIS A 449 17.07 -1.72 -6.33
N PHE A 450 16.57 -1.92 -5.11
CA PHE A 450 15.77 -0.90 -4.45
C PHE A 450 16.52 0.41 -4.21
N ARG A 451 17.84 0.34 -4.11
CA ARG A 451 18.65 1.57 -4.01
C ARG A 451 18.43 2.51 -5.17
N ASP A 452 18.03 1.97 -6.31
CA ASP A 452 17.88 2.79 -7.53
C ASP A 452 16.81 3.87 -7.38
N THR A 453 15.88 3.68 -6.46
CA THR A 453 14.82 4.67 -6.30
C THR A 453 14.98 5.46 -5.00
N VAL A 454 16.16 5.44 -4.40
CA VAL A 454 16.40 6.31 -3.26
C VAL A 454 16.31 7.76 -3.73
N SER A 455 15.86 8.64 -2.84
CA SER A 455 15.63 10.02 -3.20
C SER A 455 16.08 10.97 -2.09
N PHE A 456 16.86 11.99 -2.48
CA PHE A 456 17.19 13.11 -1.63
C PHE A 456 16.60 14.38 -2.24
N ARG A 457 16.68 15.51 -1.54
CA ARG A 457 16.09 16.73 -2.09
C ARG A 457 16.62 17.04 -3.48
N LYS A 458 17.91 16.80 -3.71
CA LYS A 458 18.53 17.17 -4.99
C LYS A 458 17.86 16.48 -6.17
N ASP A 459 17.36 15.27 -5.99
CA ASP A 459 16.74 14.63 -7.13
C ASP A 459 15.21 14.82 -7.13
N ARG A 460 14.69 15.50 -6.10
CA ARG A 460 13.27 15.87 -6.08
C ARG A 460 13.03 17.22 -6.75
N VAL A 461 13.89 18.19 -6.47
CA VAL A 461 13.74 19.49 -7.11
C VAL A 461 15.11 20.16 -7.27
N LYS A 462 15.31 20.83 -8.41
CA LYS A 462 16.58 21.50 -8.69
C LYS A 462 16.88 22.62 -7.70
N ALA B 7 20.22 -11.78 8.28
CA ALA B 7 19.04 -11.67 9.13
C ALA B 7 18.37 -13.03 9.32
N ALA B 8 18.44 -13.88 8.30
CA ALA B 8 17.85 -15.20 8.40
C ALA B 8 18.70 -16.05 9.34
N GLU B 9 20.02 -15.88 9.25
CA GLU B 9 20.95 -16.54 10.14
C GLU B 9 20.68 -16.16 11.60
N ILE B 10 20.48 -14.87 11.83
CA ILE B 10 20.18 -14.38 13.18
C ILE B 10 18.94 -15.09 13.72
N ARG B 11 17.89 -15.17 12.90
CA ARG B 11 16.63 -15.75 13.34
C ARG B 11 16.70 -17.23 13.62
N GLN B 12 17.40 -17.99 12.78
CA GLN B 12 17.56 -19.41 13.02
C GLN B 12 18.37 -19.64 14.28
N GLN B 13 19.39 -18.80 14.50
CA GLN B 13 20.24 -18.94 15.67
C GLN B 13 19.46 -18.77 16.97
N PHE B 14 18.48 -17.87 16.97
CA PHE B 14 17.78 -17.57 18.21
C PHE B 14 16.40 -18.22 18.29
N ALA B 15 16.11 -19.15 17.38
CA ALA B 15 14.87 -19.92 17.45
C ALA B 15 14.79 -20.74 18.74
N MET B 16 13.61 -20.70 19.36
N MET B 16 13.62 -20.74 19.36
CA MET B 16 13.31 -21.48 20.57
CA MET B 16 13.41 -21.55 20.56
C MET B 16 12.57 -22.77 20.20
C MET B 16 12.46 -22.70 20.26
N THR B 17 12.37 -23.65 21.19
CA THR B 17 11.46 -24.76 21.04
C THR B 17 10.02 -24.25 21.13
N ALA B 18 9.09 -25.05 20.63
CA ALA B 18 7.67 -24.67 20.62
C ALA B 18 7.14 -24.38 22.02
N GLY B 19 6.20 -23.44 22.09
CA GLY B 19 5.52 -23.13 23.34
C GLY B 19 5.52 -21.66 23.63
N SER B 20 4.35 -21.11 23.94
CA SER B 20 4.20 -19.67 24.22
C SER B 20 5.18 -19.24 25.31
N PRO B 21 5.95 -18.18 25.03
CA PRO B 21 6.93 -17.72 26.02
C PRO B 21 6.33 -16.80 27.06
N ILE B 22 5.05 -16.45 26.91
CA ILE B 22 4.38 -15.57 27.86
C ILE B 22 3.97 -16.34 29.12
N ILE B 23 4.57 -15.99 30.24
CA ILE B 23 4.32 -16.69 31.49
C ILE B 23 3.05 -16.15 32.12
N VAL B 24 2.12 -17.04 32.47
CA VAL B 24 0.83 -16.61 33.00
C VAL B 24 0.51 -17.32 34.31
N ASN B 25 -0.47 -16.78 35.06
CA ASN B 25 -0.95 -17.47 36.26
C ASN B 25 -2.46 -17.73 36.16
N ASP B 26 -3.05 -18.25 37.23
CA ASP B 26 -4.45 -18.68 37.18
C ASP B 26 -5.45 -17.53 37.33
N LYS B 27 -4.93 -16.32 37.56
CA LYS B 27 -5.76 -15.12 37.67
C LYS B 27 -6.09 -14.50 36.30
N LEU B 28 -5.35 -14.92 35.27
CA LEU B 28 -5.51 -14.35 33.94
C LEU B 28 -6.93 -14.52 33.38
N GLU B 29 -7.53 -13.40 33.00
CA GLU B 29 -8.84 -13.37 32.34
C GLU B 29 -8.72 -12.59 31.04
N ARG B 30 -9.59 -12.88 30.07
CA ARG B 30 -9.59 -12.06 28.86
C ARG B 30 -9.98 -10.61 29.22
N TYR B 31 -9.48 -9.68 28.41
CA TYR B 31 -9.50 -8.24 28.69
C TYR B 31 -10.50 -7.52 27.81
N ALA B 32 -11.40 -6.76 28.42
CA ALA B 32 -12.37 -5.99 27.65
C ALA B 32 -11.72 -4.76 27.02
N GLU B 33 -11.88 -4.63 25.70
CA GLU B 33 -11.19 -3.59 24.93
C GLU B 33 -11.45 -2.19 25.46
N VAL B 34 -12.63 -1.98 26.03
CA VAL B 34 -13.00 -0.64 26.52
C VAL B 34 -12.01 -0.15 27.58
N ARG B 35 -11.27 -1.08 28.18
CA ARG B 35 -10.32 -0.70 29.22
C ARG B 35 -9.08 0.02 28.70
N THR B 36 -8.83 0.00 27.39
CA THR B 36 -7.62 0.68 26.90
C THR B 36 -7.72 2.17 27.18
N ALA B 37 -6.59 2.86 27.27
CA ALA B 37 -6.65 4.27 27.64
C ALA B 37 -7.38 5.11 26.59
N PHE B 38 -7.36 4.68 25.33
CA PHE B 38 -8.03 5.40 24.25
C PHE B 38 -9.54 5.51 24.42
N THR B 39 -10.13 4.52 25.09
CA THR B 39 -11.57 4.34 25.11
C THR B 39 -12.20 4.46 26.50
N HIS B 40 -11.44 4.18 27.55
CA HIS B 40 -12.05 4.07 28.87
C HIS B 40 -12.49 5.44 29.38
N PRO B 41 -13.69 5.51 30.01
CA PRO B 41 -14.15 6.84 30.43
C PRO B 41 -13.20 7.55 31.43
N THR B 42 -12.40 6.80 32.19
CA THR B 42 -11.51 7.44 33.17
C THR B 42 -10.33 8.17 32.52
N SER B 43 -10.05 7.83 31.26
CA SER B 43 -8.86 8.33 30.58
C SER B 43 -9.17 9.08 29.27
N PHE B 44 -10.42 9.00 28.83
CA PHE B 44 -10.81 9.47 27.51
C PHE B 44 -10.74 10.98 27.37
N PHE B 45 -11.06 11.69 28.46
CA PHE B 45 -11.13 13.14 28.45
C PHE B 45 -9.83 13.74 28.98
N LYS B 46 -9.26 14.66 28.21
CA LYS B 46 -8.05 15.37 28.60
C LYS B 46 -8.22 16.86 28.36
N PRO B 47 -7.56 17.68 29.18
CA PRO B 47 -7.62 19.12 28.92
C PRO B 47 -6.77 19.50 27.71
N ASN B 48 -7.14 20.57 27.02
CA ASN B 48 -6.29 21.10 25.98
C ASN B 48 -5.41 22.18 26.60
N TYR B 49 -4.61 22.86 25.78
CA TYR B 49 -3.65 23.82 26.31
C TYR B 49 -4.33 25.03 26.93
N LYS B 50 -5.61 25.22 26.64
CA LYS B 50 -6.39 26.30 27.23
C LYS B 50 -7.01 25.85 28.54
N GLY B 51 -6.99 24.54 28.79
CA GLY B 51 -7.54 24.00 30.03
C GLY B 51 -8.96 23.50 29.86
N GLU B 52 -9.40 23.39 28.60
CA GLU B 52 -10.74 22.91 28.30
C GLU B 52 -10.75 21.39 28.20
N VAL B 53 -11.61 20.75 28.97
CA VAL B 53 -11.70 19.29 28.93
C VAL B 53 -12.46 18.81 27.69
N LYS B 54 -11.84 17.90 26.95
CA LYS B 54 -12.38 17.41 25.69
C LYS B 54 -11.96 15.95 25.49
N PRO B 55 -12.65 15.24 24.56
CA PRO B 55 -12.09 13.97 24.08
C PRO B 55 -10.59 14.17 23.78
N TRP B 56 -9.76 13.21 24.18
CA TRP B 56 -8.31 13.38 24.10
C TRP B 56 -7.84 13.79 22.70
N PHE B 57 -8.42 13.20 21.64
CA PHE B 57 -7.96 13.50 20.28
C PHE B 57 -8.39 14.89 19.82
N LEU B 58 -9.49 15.41 20.36
CA LEU B 58 -9.87 16.80 20.06
C LEU B 58 -8.92 17.79 20.73
N SER B 59 -8.56 17.54 21.98
CA SER B 59 -7.56 18.38 22.64
C SER B 59 -6.23 18.32 21.89
N ALA B 60 -5.88 17.14 21.41
CA ALA B 60 -4.65 16.98 20.61
C ALA B 60 -4.74 17.79 19.30
N TYR B 61 -5.89 17.77 18.65
CA TYR B 61 -6.11 18.60 17.46
C TYR B 61 -5.87 20.07 17.80
N ASP B 62 -6.38 20.52 18.94
CA ASP B 62 -6.20 21.91 19.32
C ASP B 62 -4.71 22.29 19.39
N GLU B 63 -3.89 21.35 19.89
CA GLU B 63 -2.46 21.59 19.96
C GLU B 63 -1.84 21.60 18.56
N LYS B 64 -2.32 20.74 17.65
CA LYS B 64 -1.79 20.73 16.29
C LYS B 64 -2.05 22.07 15.63
N VAL B 65 -3.27 22.59 15.82
CA VAL B 65 -3.60 23.89 15.24
C VAL B 65 -2.71 24.97 15.84
N ARG B 66 -2.53 24.92 17.16
CA ARG B 66 -1.74 25.92 17.85
C ARG B 66 -0.30 25.91 17.33
N GLN B 67 0.26 24.72 17.16
CA GLN B 67 1.65 24.59 16.67
C GLN B 67 1.80 25.12 15.24
N ILE B 68 0.86 24.78 14.37
CA ILE B 68 0.89 25.31 13.01
C ILE B 68 0.87 26.82 12.98
N GLU B 69 -0.08 27.42 13.70
CA GLU B 69 -0.18 28.88 13.80
C GLU B 69 1.14 29.49 14.27
N ASN B 70 1.83 28.80 15.17
CA ASN B 70 3.06 29.34 15.75
C ASN B 70 4.33 28.79 15.12
N GLY B 71 4.18 28.13 13.97
CA GLY B 71 5.33 27.66 13.23
C GLY B 71 6.17 26.65 14.01
N GLU B 72 5.50 25.70 14.66
CA GLU B 72 6.14 24.66 15.42
C GLU B 72 5.85 23.27 14.84
N ASN B 73 6.83 22.36 14.93
CA ASN B 73 6.64 20.96 14.53
C ASN B 73 6.32 20.03 15.69
N GLY B 74 6.35 20.54 16.92
CA GLY B 74 6.11 19.73 18.09
C GLY B 74 6.18 20.64 19.30
N PRO B 75 6.07 20.06 20.50
CA PRO B 75 6.14 20.84 21.74
C PRO B 75 7.51 21.50 21.90
N LYS B 76 7.51 22.83 21.93
CA LYS B 76 8.72 23.62 22.08
C LYS B 76 9.74 23.31 21.00
N MET B 77 9.25 22.93 19.83
CA MET B 77 10.13 22.66 18.70
C MET B 77 9.75 23.55 17.52
N LYS B 78 10.52 24.62 17.32
CA LYS B 78 10.22 25.55 16.23
C LYS B 78 10.48 24.88 14.88
N ALA B 79 9.58 25.11 13.93
CA ALA B 79 9.77 24.63 12.55
C ALA B 79 10.57 25.66 11.79
N LYS B 80 11.04 25.30 10.60
CA LYS B 80 11.73 26.26 9.74
C LYS B 80 10.82 27.46 9.48
N ASN B 81 9.52 27.18 9.33
CA ASN B 81 8.52 28.23 9.14
C ASN B 81 7.13 27.59 9.25
N VAL B 82 6.09 28.41 9.11
CA VAL B 82 4.73 27.91 9.24
C VAL B 82 4.41 26.91 8.14
N GLY B 83 4.93 27.16 6.95
CA GLY B 83 4.72 26.24 5.84
C GLY B 83 5.20 24.84 6.17
N GLU B 84 6.38 24.74 6.78
CA GLU B 84 6.90 23.44 7.19
C GLU B 84 6.02 22.80 8.25
N ALA B 85 5.61 23.59 9.23
CA ALA B 85 4.72 23.10 10.29
C ALA B 85 3.44 22.51 9.67
N ARG B 86 2.84 23.28 8.76
CA ARG B 86 1.64 22.87 8.01
C ARG B 86 1.86 21.55 7.26
N ALA B 87 2.99 21.45 6.55
CA ALA B 87 3.27 20.30 5.72
C ALA B 87 3.35 19.02 6.55
N GLY B 88 3.95 19.09 7.73
CA GLY B 88 4.07 17.93 8.58
C GLY B 88 2.71 17.41 9.03
N ARG B 89 1.81 18.31 9.36
CA ARG B 89 0.49 17.90 9.81
C ARG B 89 -0.38 17.42 8.64
N ALA B 90 -0.18 18.00 7.46
CA ALA B 90 -0.86 17.54 6.25
C ALA B 90 -0.44 16.11 5.92
N LEU B 91 0.85 15.85 6.07
CA LEU B 91 1.37 14.53 5.78
C LEU B 91 0.81 13.52 6.79
N GLU B 92 0.86 13.88 8.07
CA GLU B 92 0.25 13.08 9.14
C GLU B 92 -1.23 12.77 8.88
N ALA B 93 -2.02 13.79 8.60
CA ALA B 93 -3.46 13.60 8.39
C ALA B 93 -3.72 12.72 7.16
N ALA B 94 -2.99 12.96 6.07
CA ALA B 94 -3.17 12.14 4.88
C ALA B 94 -2.84 10.67 5.14
N GLY B 95 -1.86 10.43 6.01
CA GLY B 95 -1.41 9.07 6.26
C GLY B 95 -2.51 8.14 6.69
N TRP B 96 -3.47 8.70 7.42
CA TRP B 96 -4.58 7.96 8.03
C TRP B 96 -5.72 7.66 7.06
N THR B 97 -5.51 7.89 5.77
CA THR B 97 -6.63 7.83 4.83
C THR B 97 -7.42 6.52 4.86
N LEU B 98 -6.74 5.39 5.01
CA LEU B 98 -7.44 4.10 5.03
C LEU B 98 -7.60 3.57 6.44
N ASP B 99 -7.87 4.46 7.39
CA ASP B 99 -8.02 4.02 8.77
C ASP B 99 -9.21 4.72 9.40
N ILE B 100 -10.03 3.97 10.13
CA ILE B 100 -11.21 4.54 10.77
C ILE B 100 -10.93 4.86 12.25
N ASN B 101 -11.11 6.13 12.63
CA ASN B 101 -11.07 6.56 14.03
C ASN B 101 -9.88 6.06 14.85
N TYR B 102 -8.70 6.17 14.24
CA TYR B 102 -7.43 5.80 14.87
C TYR B 102 -7.38 4.33 15.28
N GLY B 103 -7.36 3.46 14.27
CA GLY B 103 -6.96 2.09 14.50
C GLY B 103 -7.81 0.99 13.91
N ASN B 104 -8.92 1.36 13.27
CA ASN B 104 -9.83 0.37 12.69
C ASN B 104 -10.31 -0.66 13.69
N ILE B 105 -10.59 -0.26 14.93
CA ILE B 105 -10.87 -1.27 15.94
C ILE B 105 -12.28 -1.87 15.89
N TYR B 106 -13.28 -1.18 15.32
CA TYR B 106 -14.62 -1.78 15.32
C TYR B 106 -14.62 -3.02 14.43
N PRO B 107 -14.89 -4.19 14.99
CA PRO B 107 -14.83 -5.39 14.14
C PRO B 107 -16.05 -5.46 13.22
N ASN B 108 -15.83 -5.95 12.00
CA ASN B 108 -16.91 -6.18 11.04
C ASN B 108 -17.64 -4.89 10.67
N ARG B 109 -16.87 -3.81 10.63
CA ARG B 109 -17.32 -2.50 10.20
C ARG B 109 -16.34 -1.92 9.19
N PHE B 110 -16.83 -1.06 8.30
CA PHE B 110 -15.97 -0.31 7.40
C PHE B 110 -14.98 -1.21 6.66
N PHE B 111 -13.67 -1.09 6.92
CA PHE B 111 -12.70 -1.93 6.23
C PHE B 111 -12.51 -3.33 6.83
N MET B 112 -12.99 -3.53 8.05
CA MET B 112 -12.69 -4.74 8.80
C MET B 112 -13.80 -5.78 8.70
N LEU B 113 -14.32 -6.00 7.51
CA LEU B 113 -15.42 -6.96 7.36
C LEU B 113 -14.94 -8.39 7.61
N TRP B 114 -15.74 -9.14 8.37
CA TRP B 114 -15.45 -10.53 8.70
C TRP B 114 -15.83 -11.52 7.59
N SER B 115 -16.62 -11.04 6.64
CA SER B 115 -16.89 -11.80 5.42
C SER B 115 -16.58 -10.92 4.22
N GLY B 116 -16.11 -11.55 3.14
CA GLY B 116 -15.85 -10.84 1.90
C GLY B 116 -17.06 -10.64 1.00
N GLU B 117 -18.20 -11.23 1.36
CA GLU B 117 -19.34 -11.32 0.43
C GLU B 117 -19.83 -10.00 -0.17
N THR B 118 -19.78 -8.92 0.60
CA THR B 118 -20.33 -7.65 0.11
C THR B 118 -19.29 -6.73 -0.51
N MET B 119 -18.03 -7.14 -0.48
CA MET B 119 -16.97 -6.28 -1.02
C MET B 119 -17.08 -6.21 -2.53
N THR B 120 -16.74 -5.06 -3.08
CA THR B 120 -16.83 -4.87 -4.54
C THR B 120 -15.95 -5.87 -5.28
N ASN B 121 -14.77 -6.15 -4.74
CA ASN B 121 -13.83 -7.07 -5.37
C ASN B 121 -14.42 -8.48 -5.46
N THR B 122 -15.02 -8.93 -4.35
CA THR B 122 -15.66 -10.24 -4.29
C THR B 122 -16.81 -10.36 -5.27
N GLN B 123 -17.62 -9.30 -5.36
CA GLN B 123 -18.71 -9.28 -6.31
C GLN B 123 -18.22 -9.39 -7.75
N LEU B 124 -17.17 -8.64 -8.07
CA LEU B 124 -16.64 -8.61 -9.43
C LEU B 124 -16.11 -9.99 -9.82
N TRP B 125 -15.51 -10.66 -8.84
CA TRP B 125 -14.87 -11.96 -9.07
C TRP B 125 -15.79 -13.16 -8.87
N ALA B 126 -17.03 -12.90 -8.48
CA ALA B 126 -17.99 -13.95 -8.12
C ALA B 126 -18.11 -15.12 -9.12
N PRO B 127 -18.13 -14.84 -10.45
CA PRO B 127 -18.29 -15.96 -11.38
C PRO B 127 -17.19 -17.03 -11.33
N VAL B 128 -15.98 -16.68 -10.90
CA VAL B 128 -14.92 -17.68 -10.78
C VAL B 128 -15.17 -18.63 -9.62
N GLY B 129 -15.91 -18.16 -8.63
CA GLY B 129 -16.31 -19.00 -7.51
C GLY B 129 -15.19 -19.35 -6.54
N LEU B 130 -14.15 -18.52 -6.47
CA LEU B 130 -13.00 -18.81 -5.62
C LEU B 130 -13.36 -18.86 -4.15
N ASP B 131 -14.29 -18.00 -3.74
CA ASP B 131 -14.71 -17.98 -2.34
C ASP B 131 -15.79 -19.02 -2.03
N ARG B 132 -16.31 -19.71 -3.04
CA ARG B 132 -17.33 -20.74 -2.81
C ARG B 132 -16.80 -22.16 -2.92
N ARG B 133 -15.77 -22.33 -3.73
CA ARG B 133 -15.16 -23.62 -4.04
C ARG B 133 -14.39 -24.17 -2.83
N PRO B 134 -14.57 -25.47 -2.52
CA PRO B 134 -13.80 -26.01 -1.38
C PRO B 134 -12.31 -25.88 -1.61
N PRO B 135 -11.50 -25.82 -0.54
CA PRO B 135 -10.07 -25.64 -0.81
C PRO B 135 -9.47 -26.79 -1.62
N ASP B 136 -8.49 -26.43 -2.45
CA ASP B 136 -7.77 -27.39 -3.27
C ASP B 136 -6.46 -27.80 -2.59
N THR B 137 -6.10 -27.06 -1.55
CA THR B 137 -4.91 -27.38 -0.75
C THR B 137 -5.26 -27.39 0.73
N THR B 138 -4.94 -28.48 1.43
CA THR B 138 -5.19 -28.58 2.86
C THR B 138 -3.88 -28.79 3.61
N ASP B 139 -2.82 -29.07 2.85
CA ASP B 139 -1.48 -29.28 3.40
C ASP B 139 -0.95 -28.01 4.07
N PRO B 140 -0.79 -28.04 5.39
CA PRO B 140 -0.38 -26.82 6.10
C PRO B 140 0.99 -26.30 5.66
N VAL B 141 1.88 -27.18 5.22
CA VAL B 141 3.18 -26.73 4.74
C VAL B 141 3.06 -25.86 3.49
N GLU B 142 2.36 -26.36 2.48
CA GLU B 142 2.15 -25.57 1.26
C GLU B 142 1.34 -24.32 1.51
N LEU B 143 0.30 -24.43 2.34
CA LEU B 143 -0.52 -23.27 2.68
C LEU B 143 0.31 -22.19 3.36
N THR B 144 1.22 -22.59 4.24
CA THR B 144 2.06 -21.61 4.93
C THR B 144 2.97 -20.87 3.93
N ASN B 145 3.55 -21.61 3.00
CA ASN B 145 4.36 -20.95 1.97
C ASN B 145 3.53 -19.98 1.11
N TYR B 146 2.37 -20.43 0.63
CA TYR B 146 1.48 -19.59 -0.16
C TYR B 146 1.07 -18.34 0.60
N VAL B 147 0.63 -18.50 1.85
CA VAL B 147 0.05 -17.35 2.54
C VAL B 147 1.14 -16.38 2.95
N LYS B 148 2.34 -16.86 3.24
CA LYS B 148 3.42 -15.92 3.55
C LYS B 148 3.89 -15.15 2.32
N PHE B 149 3.94 -15.81 1.16
CA PHE B 149 4.26 -15.11 -0.09
C PHE B 149 3.23 -14.00 -0.31
N ALA B 150 1.95 -14.37 -0.19
CA ALA B 150 0.87 -13.39 -0.32
C ALA B 150 1.03 -12.25 0.69
N ALA B 151 1.39 -12.59 1.92
CA ALA B 151 1.58 -11.58 2.97
C ALA B 151 2.64 -10.57 2.58
N ARG B 152 3.71 -11.03 1.95
CA ARG B 152 4.75 -10.09 1.54
C ARG B 152 4.27 -9.19 0.41
N MET B 153 3.54 -9.76 -0.56
CA MET B 153 2.93 -8.96 -1.62
C MET B 153 2.01 -7.89 -1.02
N ALA B 154 1.36 -8.24 0.08
CA ALA B 154 0.36 -7.38 0.72
C ALA B 154 0.96 -6.33 1.62
N GLY B 155 2.29 -6.26 1.66
CA GLY B 155 2.93 -5.16 2.38
C GLY B 155 3.55 -5.49 3.72
N ALA B 156 3.52 -6.76 4.14
CA ALA B 156 4.20 -7.13 5.38
C ALA B 156 5.71 -7.13 5.19
N ASP B 157 6.40 -6.53 6.14
CA ASP B 157 7.86 -6.63 6.17
C ASP B 157 8.31 -7.87 6.95
N LEU B 158 7.48 -8.27 7.92
CA LEU B 158 7.69 -9.51 8.68
C LEU B 158 6.35 -10.25 8.68
N VAL B 159 6.40 -11.57 8.68
CA VAL B 159 5.17 -12.33 8.85
C VAL B 159 5.46 -13.59 9.66
N GLY B 160 4.54 -13.93 10.57
CA GLY B 160 4.65 -15.13 11.36
C GLY B 160 3.28 -15.73 11.61
N VAL B 161 3.27 -16.99 11.99
CA VAL B 161 2.05 -17.73 12.29
C VAL B 161 2.11 -18.27 13.72
N ALA B 162 1.01 -18.17 14.44
CA ALA B 162 0.90 -18.86 15.73
C ALA B 162 -0.45 -19.57 15.81
N ARG B 163 -0.55 -20.58 16.65
CA ARG B 163 -1.89 -21.03 17.05
C ARG B 163 -2.52 -19.85 17.78
N LEU B 164 -3.84 -19.71 17.66
CA LEU B 164 -4.56 -18.62 18.32
C LEU B 164 -4.74 -18.85 19.81
N ASN B 165 -4.09 -18.03 20.60
CA ASN B 165 -4.24 -18.08 22.05
C ASN B 165 -5.37 -17.16 22.45
N ARG B 166 -6.48 -17.72 22.91
CA ARG B 166 -7.67 -16.92 23.13
C ARG B 166 -7.52 -15.95 24.31
N ASN B 167 -6.50 -16.17 25.14
CA ASN B 167 -6.25 -15.26 26.26
C ASN B 167 -6.01 -13.82 25.79
N TRP B 168 -5.57 -13.66 24.54
CA TRP B 168 -5.22 -12.32 24.06
C TRP B 168 -6.30 -11.72 23.19
N VAL B 169 -7.35 -12.50 22.95
CA VAL B 169 -8.54 -11.97 22.27
C VAL B 169 -9.37 -11.19 23.28
N TYR B 170 -9.77 -9.97 22.92
CA TYR B 170 -10.58 -9.16 23.82
C TYR B 170 -11.85 -9.90 24.17
N SER B 171 -12.24 -9.83 25.45
CA SER B 171 -13.48 -10.43 25.90
C SER B 171 -14.67 -9.74 25.27
N GLU B 172 -14.55 -8.42 25.11
CA GLU B 172 -15.57 -7.59 24.50
C GLU B 172 -14.90 -6.54 23.66
N ALA B 173 -15.50 -6.26 22.50
CA ALA B 173 -14.95 -5.29 21.57
C ALA B 173 -15.64 -3.95 21.74
N VAL B 174 -14.94 -2.89 21.35
CA VAL B 174 -15.57 -1.59 21.17
C VAL B 174 -15.99 -1.50 19.72
N THR B 175 -17.25 -1.21 19.48
CA THR B 175 -17.75 -1.17 18.12
C THR B 175 -18.87 -0.14 18.01
N ILE B 176 -19.61 -0.16 16.91
CA ILE B 176 -20.79 0.69 16.76
C ILE B 176 -21.93 -0.17 16.23
N PRO B 177 -23.17 0.28 16.38
CA PRO B 177 -24.25 -0.49 15.76
C PRO B 177 -24.07 -0.55 14.25
N ALA B 178 -24.52 -1.66 13.63
CA ALA B 178 -24.20 -1.95 12.24
C ALA B 178 -24.67 -0.89 11.24
N ASP B 179 -25.84 -0.30 11.50
CA ASP B 179 -26.43 0.65 10.57
C ASP B 179 -26.17 2.12 10.93
N VAL B 180 -25.25 2.35 11.85
CA VAL B 180 -24.84 3.72 12.17
C VAL B 180 -23.79 4.15 11.14
N PRO B 181 -24.06 5.24 10.42
CA PRO B 181 -23.09 5.73 9.43
C PRO B 181 -21.91 6.43 10.09
N TYR B 182 -20.83 6.64 9.35
CA TYR B 182 -19.60 7.13 9.94
C TYR B 182 -19.77 8.39 10.79
N GLU B 183 -20.57 9.35 10.35
CA GLU B 183 -20.61 10.64 11.06
C GLU B 183 -21.22 10.57 12.48
N GLN B 184 -21.81 9.44 12.86
CA GLN B 184 -22.28 9.28 14.23
C GLN B 184 -21.44 8.29 15.05
N SER B 185 -20.44 7.68 14.40
CA SER B 185 -19.70 6.58 15.00
C SER B 185 -19.03 6.95 16.34
N LEU B 186 -18.28 8.05 16.36
CA LEU B 186 -17.58 8.48 17.58
C LEU B 186 -18.52 8.67 18.78
N HIS B 187 -19.74 9.13 18.53
CA HIS B 187 -20.72 9.36 19.59
C HIS B 187 -21.59 8.14 19.92
N LYS B 188 -21.47 7.06 19.15
CA LYS B 188 -22.35 5.91 19.39
C LYS B 188 -21.57 4.60 19.57
N GLU B 189 -20.40 4.70 20.16
CA GLU B 189 -19.60 3.51 20.44
C GLU B 189 -20.23 2.69 21.57
N ILE B 190 -20.20 1.37 21.38
CA ILE B 190 -20.77 0.41 22.30
C ILE B 190 -19.81 -0.74 22.54
N GLU B 191 -20.16 -1.59 23.50
CA GLU B 191 -19.37 -2.77 23.83
C GLU B 191 -20.10 -4.02 23.35
N LYS B 192 -19.35 -4.99 22.83
CA LYS B 192 -19.97 -6.21 22.29
C LYS B 192 -19.08 -7.42 22.52
N PRO B 193 -19.62 -8.48 23.14
CA PRO B 193 -18.81 -9.66 23.45
C PRO B 193 -18.26 -10.35 22.21
N ILE B 194 -17.02 -10.82 22.30
CA ILE B 194 -16.44 -11.69 21.29
C ILE B 194 -16.43 -13.09 21.85
N VAL B 195 -17.14 -14.01 21.20
CA VAL B 195 -17.27 -15.35 21.73
C VAL B 195 -16.92 -16.42 20.70
N PHE B 196 -16.51 -17.59 21.18
CA PHE B 196 -16.16 -18.68 20.29
C PHE B 196 -17.25 -19.74 20.36
N LYS B 197 -17.78 -20.10 19.21
CA LYS B 197 -18.85 -21.11 19.17
C LYS B 197 -18.67 -22.10 18.02
N ASP B 198 -19.37 -23.22 18.11
CA ASP B 198 -19.40 -24.20 17.03
C ASP B 198 -20.32 -23.71 15.91
N VAL B 199 -19.77 -22.89 15.03
CA VAL B 199 -20.47 -22.40 13.85
C VAL B 199 -19.51 -22.50 12.67
N PRO B 200 -20.04 -22.57 11.44
CA PRO B 200 -19.14 -22.77 10.30
C PRO B 200 -18.30 -21.55 9.90
N LEU B 201 -18.82 -20.34 10.08
CA LEU B 201 -18.18 -19.12 9.60
C LEU B 201 -18.24 -18.01 10.63
N PRO B 202 -17.28 -17.06 10.59
CA PRO B 202 -17.40 -15.87 11.45
C PRO B 202 -18.71 -15.16 11.18
N ILE B 203 -19.40 -14.75 12.25
CA ILE B 203 -20.73 -14.18 12.11
C ILE B 203 -20.97 -13.21 13.24
N GLU B 204 -21.73 -12.15 12.96
CA GLU B 204 -22.13 -11.21 13.99
C GLU B 204 -23.63 -11.22 14.15
N THR B 205 -24.10 -11.33 15.39
CA THR B 205 -25.51 -11.17 15.71
C THR B 205 -25.74 -9.84 16.40
N ASP B 206 -27.00 -9.54 16.71
CA ASP B 206 -27.30 -8.32 17.48
C ASP B 206 -26.50 -8.28 18.78
N ASP B 207 -26.33 -9.44 19.40
CA ASP B 207 -25.72 -9.51 20.73
C ASP B 207 -24.23 -9.86 20.74
N GLU B 208 -23.75 -10.59 19.73
CA GLU B 208 -22.41 -11.17 19.81
C GLU B 208 -21.61 -11.11 18.52
N LEU B 209 -20.30 -10.98 18.67
CA LEU B 209 -19.35 -11.27 17.60
C LEU B 209 -18.87 -12.71 17.80
N ILE B 210 -19.15 -13.57 16.82
CA ILE B 210 -18.91 -15.00 16.99
C ILE B 210 -17.80 -15.47 16.07
N ILE B 211 -16.71 -15.89 16.69
CA ILE B 211 -15.60 -16.53 15.99
C ILE B 211 -15.75 -18.05 16.09
N PRO B 212 -15.61 -18.77 14.97
CA PRO B 212 -15.82 -20.22 15.05
C PRO B 212 -14.74 -20.91 15.88
N ASN B 213 -15.08 -22.03 16.49
CA ASN B 213 -14.11 -22.81 17.26
C ASN B 213 -13.01 -23.37 16.36
N THR B 214 -13.29 -23.43 15.06
CA THR B 214 -12.32 -23.89 14.06
C THR B 214 -11.25 -22.84 13.74
N CYS B 215 -11.37 -21.65 14.31
CA CYS B 215 -10.41 -20.58 14.03
C CYS B 215 -9.09 -20.84 14.75
N GLU B 216 -8.26 -21.68 14.14
CA GLU B 216 -7.12 -22.28 14.82
C GLU B 216 -5.90 -21.37 14.94
N ASN B 217 -5.74 -20.48 13.96
CA ASN B 217 -4.47 -19.79 13.76
C ASN B 217 -4.58 -18.28 13.67
N VAL B 218 -3.45 -17.62 13.96
CA VAL B 218 -3.35 -16.19 13.72
C VAL B 218 -2.09 -15.93 12.91
N ILE B 219 -2.25 -15.12 11.87
CA ILE B 219 -1.13 -14.68 11.05
C ILE B 219 -0.79 -13.24 11.45
N VAL B 220 0.45 -12.99 11.86
CA VAL B 220 0.82 -11.67 12.35
C VAL B 220 1.78 -10.99 11.38
N ALA B 221 1.50 -9.74 11.03
CA ALA B 221 2.37 -8.98 10.15
C ALA B 221 3.06 -7.84 10.88
N GLY B 222 4.35 -7.66 10.58
CA GLY B 222 5.08 -6.45 10.96
C GLY B 222 5.17 -5.51 9.77
N ILE B 223 4.82 -4.25 10.00
CA ILE B 223 4.77 -3.21 8.97
C ILE B 223 5.78 -2.15 9.41
N ALA B 224 6.93 -2.09 8.76
CA ALA B 224 8.04 -1.27 9.26
C ALA B 224 7.82 0.21 9.08
N MET B 225 8.12 0.97 10.13
CA MET B 225 8.05 2.41 10.07
C MET B 225 9.40 2.95 9.60
N ASN B 226 9.43 4.25 9.32
CA ASN B 226 10.63 4.92 8.85
C ASN B 226 11.50 5.40 10.00
N ARG B 227 12.78 5.03 9.99
CA ARG B 227 13.67 5.33 11.10
C ARG B 227 13.94 6.83 11.24
N GLU B 228 14.20 7.52 10.14
CA GLU B 228 14.47 8.95 10.21
C GLU B 228 13.28 9.72 10.77
N MET B 229 12.07 9.34 10.34
CA MET B 229 10.87 10.05 10.77
C MET B 229 10.55 9.76 12.24
N MET B 230 10.70 8.51 12.66
CA MET B 230 10.42 8.17 14.03
C MET B 230 11.43 8.83 14.99
N GLN B 231 12.64 9.07 14.51
CA GLN B 231 13.64 9.71 15.37
C GLN B 231 13.28 11.17 15.69
N THR B 232 12.27 11.72 15.02
CA THR B 232 11.80 13.06 15.34
C THR B 232 10.74 13.04 16.44
N ALA B 233 10.39 11.87 16.96
CA ALA B 233 9.46 11.80 18.09
C ALA B 233 9.91 12.77 19.18
N PRO B 234 8.97 13.49 19.80
CA PRO B 234 7.51 13.36 19.65
C PRO B 234 6.90 14.32 18.64
N ASN B 235 7.69 14.77 17.67
CA ASN B 235 7.22 15.79 16.74
C ASN B 235 6.47 15.21 15.52
N SER B 236 6.04 16.08 14.61
CA SER B 236 5.05 15.67 13.61
C SER B 236 5.47 14.54 12.64
N MET B 237 6.74 14.47 12.25
CA MET B 237 7.10 13.45 11.27
C MET B 237 7.03 12.03 11.87
N ALA B 238 7.22 11.90 13.19
CA ALA B 238 6.97 10.64 13.87
C ALA B 238 5.51 10.28 13.73
N CYS B 239 4.68 11.30 13.84
CA CYS B 239 3.24 11.07 13.67
C CYS B 239 2.93 10.58 12.27
N ALA B 240 3.65 11.13 11.29
CA ALA B 240 3.34 10.81 9.91
C ALA B 240 3.72 9.36 9.56
N THR B 241 4.85 8.85 10.04
CA THR B 241 5.21 7.48 9.66
C THR B 241 4.23 6.53 10.39
N THR B 242 3.81 6.93 11.57
CA THR B 242 2.82 6.16 12.31
C THR B 242 1.55 6.02 11.49
N ALA B 243 1.06 7.17 11.03
CA ALA B 243 -0.21 7.24 10.30
C ALA B 243 -0.16 6.44 9.00
N PHE B 244 0.86 6.65 8.19
CA PHE B 244 0.96 5.91 6.92
C PHE B 244 0.95 4.40 7.16
N CYS B 245 1.58 3.96 8.24
CA CYS B 245 1.64 2.52 8.48
C CYS B 245 0.31 1.96 8.94
N TYR B 246 -0.54 2.79 9.57
CA TYR B 246 -1.88 2.34 9.87
C TYR B 246 -2.66 2.05 8.59
N SER B 247 -2.50 2.89 7.56
CA SER B 247 -3.19 2.62 6.33
C SER B 247 -2.57 1.40 5.62
N ARG B 248 -1.26 1.19 5.79
CA ARG B 248 -0.64 -0.02 5.22
C ARG B 248 -1.16 -1.28 5.90
N MET B 249 -1.38 -1.20 7.22
CA MET B 249 -2.00 -2.29 7.98
C MET B 249 -3.35 -2.65 7.42
N CYS B 250 -4.14 -1.62 7.11
CA CYS B 250 -5.49 -1.85 6.64
C CYS B 250 -5.47 -2.58 5.31
N MET B 251 -4.64 -2.08 4.39
CA MET B 251 -4.53 -2.72 3.11
C MET B 251 -3.99 -4.14 3.25
N PHE B 252 -3.04 -4.34 4.15
CA PHE B 252 -2.55 -5.70 4.39
C PHE B 252 -3.69 -6.65 4.78
N ASP B 253 -4.49 -6.25 5.77
CA ASP B 253 -5.58 -7.10 6.24
C ASP B 253 -6.56 -7.43 5.13
N MET B 254 -6.93 -6.42 4.34
CA MET B 254 -7.93 -6.65 3.29
C MET B 254 -7.38 -7.56 2.21
N TRP B 255 -6.17 -7.27 1.75
CA TRP B 255 -5.53 -8.12 0.76
C TRP B 255 -5.42 -9.58 1.23
N LEU B 256 -4.91 -9.77 2.43
CA LEU B 256 -4.65 -11.13 2.89
C LEU B 256 -5.94 -11.88 3.20
N CYS B 257 -6.92 -11.19 3.80
CA CYS B 257 -8.20 -11.86 4.03
C CYS B 257 -8.84 -12.32 2.69
N GLN B 258 -8.76 -11.49 1.66
CA GLN B 258 -9.30 -11.88 0.37
C GLN B 258 -8.54 -13.08 -0.21
N PHE B 259 -7.21 -13.08 -0.08
CA PHE B 259 -6.45 -14.23 -0.55
C PHE B 259 -6.90 -15.52 0.14
N ILE B 260 -7.01 -15.45 1.46
CA ILE B 260 -7.39 -16.63 2.24
C ILE B 260 -8.79 -17.11 1.89
N ARG B 261 -9.71 -16.17 1.73
CA ARG B 261 -11.07 -16.50 1.32
C ARG B 261 -11.10 -17.14 -0.06
N TYR B 262 -10.28 -16.61 -0.98
CA TYR B 262 -10.22 -17.13 -2.34
C TYR B 262 -9.49 -18.47 -2.41
N MET B 263 -8.83 -18.84 -1.30
CA MET B 263 -8.22 -20.16 -1.15
C MET B 263 -9.19 -21.19 -0.58
N GLY B 264 -10.35 -20.72 -0.14
CA GLY B 264 -11.41 -21.62 0.31
C GLY B 264 -11.59 -21.67 1.82
N TYR B 265 -10.95 -20.74 2.52
CA TYR B 265 -11.00 -20.66 3.97
C TYR B 265 -11.67 -19.35 4.38
N TYR B 266 -11.87 -19.13 5.67
CA TYR B 266 -12.38 -17.84 6.12
C TYR B 266 -11.23 -17.05 6.76
N ALA B 267 -11.44 -15.75 6.96
CA ALA B 267 -10.40 -14.88 7.46
C ALA B 267 -11.03 -13.66 8.12
N ILE B 268 -10.51 -13.31 9.30
CA ILE B 268 -10.99 -12.18 10.09
C ILE B 268 -9.88 -11.16 10.19
N PRO B 269 -10.08 -9.95 9.65
CA PRO B 269 -9.08 -8.89 9.77
C PRO B 269 -9.16 -8.25 11.15
N SER B 270 -8.21 -7.39 11.49
CA SER B 270 -8.33 -6.75 12.79
C SER B 270 -7.64 -5.40 12.98
N CYS B 271 -6.47 -5.19 12.36
CA CYS B 271 -5.71 -3.96 12.65
C CYS B 271 -5.57 -3.82 14.19
N ASN B 272 -6.04 -2.73 14.80
CA ASN B 272 -5.87 -2.58 16.26
C ASN B 272 -6.98 -3.23 17.09
N GLY B 273 -7.95 -3.83 16.42
CA GLY B 273 -9.05 -4.46 17.12
C GLY B 273 -8.84 -5.93 17.40
N VAL B 274 -9.90 -6.53 17.97
CA VAL B 274 -10.09 -7.97 18.18
C VAL B 274 -9.20 -8.58 19.27
N GLY B 275 -7.90 -8.24 19.29
CA GLY B 275 -7.03 -8.78 20.31
C GLY B 275 -5.69 -8.07 20.43
N GLN B 276 -4.85 -8.55 21.35
CA GLN B 276 -3.63 -7.83 21.68
C GLN B 276 -2.45 -8.24 20.79
N SER B 277 -2.07 -7.33 19.90
CA SER B 277 -1.13 -7.60 18.83
C SER B 277 0.25 -7.99 19.34
N VAL B 278 0.70 -7.38 20.43
CA VAL B 278 2.03 -7.67 20.96
C VAL B 278 2.14 -9.14 21.41
N ALA B 279 1.14 -9.63 22.14
CA ALA B 279 1.16 -11.03 22.56
C ALA B 279 1.12 -11.96 21.34
N PHE B 280 0.29 -11.65 20.35
CA PHE B 280 0.24 -12.48 19.15
C PHE B 280 1.59 -12.48 18.46
N ALA B 281 2.21 -11.30 18.38
CA ALA B 281 3.49 -11.18 17.68
C ALA B 281 4.60 -11.98 18.37
N VAL B 282 4.60 -11.99 19.69
CA VAL B 282 5.60 -12.73 20.43
C VAL B 282 5.40 -14.23 20.23
N GLU B 283 4.14 -14.65 20.28
CA GLU B 283 3.84 -16.06 20.09
C GLU B 283 4.14 -16.54 18.67
N ALA B 284 4.07 -15.63 17.70
CA ALA B 284 4.29 -15.96 16.31
C ALA B 284 5.75 -15.77 15.88
N GLY B 285 6.58 -15.39 16.85
CA GLY B 285 8.01 -15.34 16.63
C GLY B 285 8.59 -14.12 15.95
N LEU B 286 7.80 -13.06 15.83
CA LEU B 286 8.29 -11.80 15.23
C LEU B 286 9.35 -11.19 16.13
N GLY B 287 9.16 -11.30 17.43
CA GLY B 287 10.09 -10.68 18.36
C GLY B 287 9.79 -11.03 19.79
N GLN B 288 10.31 -10.20 20.70
CA GLN B 288 10.14 -10.43 22.14
C GLN B 288 9.51 -9.22 22.79
N ALA B 289 8.78 -9.44 23.87
CA ALA B 289 8.21 -8.31 24.62
C ALA B 289 9.31 -7.54 25.30
N SER B 290 9.07 -6.25 25.52
CA SER B 290 10.11 -5.36 26.03
C SER B 290 9.60 -4.57 27.22
N ARG B 291 10.50 -3.78 27.82
CA ARG B 291 10.12 -2.92 28.94
C ARG B 291 9.01 -1.94 28.55
N MET B 292 9.17 -1.30 27.40
CA MET B 292 8.21 -0.29 26.97
C MET B 292 6.84 -0.92 26.71
N GLY B 293 6.83 -2.22 26.45
CA GLY B 293 5.59 -2.94 26.24
C GLY B 293 5.37 -3.35 24.81
N ALA B 294 6.28 -2.95 23.93
CA ALA B 294 6.19 -3.32 22.53
C ALA B 294 6.89 -4.63 22.24
N CYS B 295 6.56 -5.22 21.09
CA CYS B 295 7.33 -6.33 20.52
C CYS B 295 8.57 -5.78 19.83
N ILE B 296 9.72 -6.22 20.29
CA ILE B 296 11.00 -5.81 19.71
C ILE B 296 11.46 -6.90 18.74
N THR B 297 11.68 -6.49 17.50
CA THR B 297 12.10 -7.40 16.43
C THR B 297 13.58 -7.25 16.16
N PRO B 298 14.24 -8.32 15.68
CA PRO B 298 15.67 -8.14 15.36
C PRO B 298 15.89 -7.13 14.22
N GLU B 299 14.97 -7.08 13.27
CA GLU B 299 15.16 -6.26 12.06
C GLU B 299 14.94 -4.77 12.30
N PHE B 300 13.98 -4.44 13.17
CA PHE B 300 13.50 -3.07 13.27
C PHE B 300 13.45 -2.61 14.71
N GLY B 301 13.82 -3.48 15.63
CA GLY B 301 13.52 -3.21 17.03
C GLY B 301 12.02 -3.04 17.16
N PRO B 302 11.58 -2.11 18.02
CA PRO B 302 10.15 -1.83 18.20
C PRO B 302 9.57 -0.87 17.15
N ASN B 303 10.38 -0.45 16.19
CA ASN B 303 9.93 0.54 15.21
C ASN B 303 9.22 -0.11 14.04
N VAL B 304 8.15 -0.81 14.37
CA VAL B 304 7.40 -1.60 13.43
C VAL B 304 5.97 -1.70 13.96
N ARG B 305 4.99 -1.58 13.09
CA ARG B 305 3.59 -1.73 13.49
C ARG B 305 3.16 -3.16 13.28
N LEU B 306 2.10 -3.54 13.98
CA LEU B 306 1.60 -4.91 13.92
C LEU B 306 0.16 -4.93 13.46
N THR B 307 -0.18 -5.92 12.64
CA THR B 307 -1.58 -6.24 12.44
C THR B 307 -1.68 -7.75 12.38
N LYS B 308 -2.90 -8.27 12.36
CA LYS B 308 -3.05 -9.71 12.37
C LYS B 308 -4.37 -10.14 11.76
N VAL B 309 -4.38 -11.37 11.29
CA VAL B 309 -5.54 -11.97 10.62
C VAL B 309 -5.77 -13.35 11.22
N PHE B 310 -7.04 -13.65 11.54
CA PHE B 310 -7.40 -14.92 12.17
C PHE B 310 -8.01 -15.86 11.13
N THR B 311 -7.63 -17.13 11.14
CA THR B 311 -8.13 -18.02 10.09
C THR B 311 -8.19 -19.51 10.49
N ASN B 312 -9.06 -20.26 9.82
CA ASN B 312 -9.09 -21.70 9.94
C ASN B 312 -8.15 -22.39 8.94
N MET B 313 -7.48 -21.62 8.07
CA MET B 313 -6.53 -22.21 7.13
C MET B 313 -5.47 -23.02 7.88
N PRO B 314 -5.25 -24.28 7.50
CA PRO B 314 -4.19 -25.05 8.17
C PRO B 314 -2.83 -24.40 7.93
N LEU B 315 -2.02 -24.28 8.97
CA LEU B 315 -0.73 -23.59 8.86
C LEU B 315 0.28 -24.23 9.81
N VAL B 316 1.55 -23.96 9.54
CA VAL B 316 2.65 -24.41 10.41
C VAL B 316 3.06 -23.26 11.31
N PRO B 317 2.87 -23.41 12.63
CA PRO B 317 3.22 -22.30 13.52
C PRO B 317 4.71 -22.05 13.52
N ASP B 318 5.09 -20.78 13.60
CA ASP B 318 6.51 -20.46 13.68
C ASP B 318 7.00 -20.67 15.11
N LYS B 319 8.32 -20.74 15.26
CA LYS B 319 8.92 -20.89 16.58
C LYS B 319 9.09 -19.52 17.21
N PRO B 320 8.89 -19.42 18.53
CA PRO B 320 9.24 -18.17 19.20
C PRO B 320 10.75 -17.93 19.11
N ILE B 321 11.16 -16.68 19.27
CA ILE B 321 12.57 -16.34 19.13
C ILE B 321 13.05 -15.68 20.42
N ASP B 322 14.28 -15.97 20.82
CA ASP B 322 14.85 -15.38 22.02
C ASP B 322 16.24 -14.90 21.69
N PHE B 323 16.38 -13.60 21.46
CA PHE B 323 17.69 -13.02 21.18
C PHE B 323 18.11 -12.07 22.30
N GLY B 324 17.62 -12.36 23.51
CA GLY B 324 18.13 -11.72 24.71
C GLY B 324 17.50 -10.39 25.09
N VAL B 325 16.36 -10.06 24.50
CA VAL B 325 15.70 -8.80 24.83
C VAL B 325 15.39 -8.65 26.32
N THR B 326 14.88 -9.72 26.94
CA THR B 326 14.43 -9.62 28.31
C THR B 326 15.57 -9.21 29.23
N GLU B 327 16.72 -9.87 29.06
CA GLU B 327 17.91 -9.59 29.85
C GLU B 327 18.43 -8.17 29.58
N PHE B 328 18.34 -7.75 28.32
CA PHE B 328 18.79 -6.41 27.93
C PHE B 328 17.94 -5.32 28.60
N CYS B 329 16.62 -5.45 28.50
CA CYS B 329 15.70 -4.51 29.13
C CYS B 329 15.86 -4.46 30.65
N GLU B 330 16.35 -5.56 31.22
CA GLU B 330 16.54 -5.65 32.68
C GLU B 330 17.46 -4.56 33.19
N THR B 331 18.44 -4.18 32.38
CA THR B 331 19.45 -3.24 32.84
C THR B 331 19.36 -1.90 32.10
N CYS B 332 18.76 -1.92 30.92
CA CYS B 332 18.75 -0.75 30.03
C CYS B 332 18.00 0.46 30.59
N LYS B 333 16.66 0.38 30.61
CA LYS B 333 15.78 1.43 31.12
C LYS B 333 15.89 2.80 30.42
N LYS B 334 16.44 2.85 29.21
CA LYS B 334 16.55 4.11 28.49
C LYS B 334 15.18 4.73 28.15
N CYS B 335 14.24 3.89 27.70
CA CYS B 335 12.89 4.36 27.40
C CYS B 335 12.24 4.93 28.66
N ALA B 336 12.41 4.24 29.78
CA ALA B 336 11.84 4.69 31.05
C ALA B 336 12.40 6.06 31.46
N ARG B 337 13.68 6.28 31.20
CA ARG B 337 14.31 7.55 31.59
C ARG B 337 13.92 8.72 30.66
N GLU B 338 13.71 8.41 29.38
CA GLU B 338 13.40 9.43 28.38
C GLU B 338 11.89 9.69 28.21
N CYS B 339 11.06 8.78 28.67
CA CYS B 339 9.60 8.96 28.54
C CYS B 339 9.14 10.29 29.12
N PRO B 340 8.49 11.13 28.29
CA PRO B 340 8.08 12.45 28.78
C PRO B 340 6.94 12.42 29.81
N SER B 341 6.35 11.25 30.05
CA SER B 341 5.24 11.16 31.01
C SER B 341 5.51 10.26 32.22
N LYS B 342 6.71 9.67 32.30
CA LYS B 342 7.06 8.70 33.36
C LYS B 342 6.07 7.54 33.38
N ALA B 343 5.59 7.17 32.20
CA ALA B 343 4.65 6.07 32.02
C ALA B 343 5.33 4.70 32.19
N ILE B 344 6.59 4.62 31.79
CA ILE B 344 7.27 3.33 31.75
C ILE B 344 8.02 2.99 33.04
N THR B 345 7.73 1.83 33.59
CA THR B 345 8.32 1.43 34.86
C THR B 345 9.82 1.16 34.74
N GLU B 346 10.55 1.44 35.82
CA GLU B 346 11.96 1.05 35.92
C GLU B 346 12.10 -0.17 36.83
N GLY B 347 10.98 -0.64 37.36
CA GLY B 347 10.98 -1.76 38.26
C GLY B 347 10.96 -3.09 37.54
N PRO B 348 10.86 -4.19 38.29
CA PRO B 348 10.85 -5.54 37.72
C PRO B 348 9.48 -5.95 37.17
N ARG B 349 9.46 -7.04 36.41
CA ARG B 349 8.22 -7.57 35.87
C ARG B 349 7.35 -8.19 36.97
N THR B 350 6.04 -8.07 36.81
CA THR B 350 5.10 -8.67 37.76
C THR B 350 3.88 -9.20 37.02
N PHE B 351 3.03 -9.92 37.75
CA PHE B 351 1.77 -10.44 37.19
C PHE B 351 0.61 -9.53 37.51
N GLU B 352 0.89 -8.37 38.11
CA GLU B 352 -0.16 -7.51 38.64
C GLU B 352 -0.21 -6.19 37.90
N GLY B 353 -1.33 -5.91 37.24
CA GLY B 353 -1.46 -4.69 36.47
C GLY B 353 -1.42 -3.46 37.35
N ARG B 354 -0.84 -2.38 36.83
CA ARG B 354 -0.77 -1.12 37.58
C ARG B 354 -2.10 -0.38 37.61
N SER B 355 -2.93 -0.61 36.61
CA SER B 355 -4.24 0.02 36.56
C SER B 355 -5.18 -0.74 35.64
N ILE B 356 -6.41 -0.25 35.51
CA ILE B 356 -7.44 -0.85 34.66
C ILE B 356 -6.96 -1.06 33.20
N HIS B 357 -5.98 -0.28 32.77
CA HIS B 357 -5.53 -0.37 31.39
C HIS B 357 -4.66 -1.59 31.13
N ASN B 358 -4.13 -2.20 32.20
CA ASN B 358 -3.29 -3.39 32.05
C ASN B 358 -4.07 -4.69 32.26
N GLN B 359 -3.72 -5.74 31.53
CA GLN B 359 -4.25 -7.08 31.80
C GLN B 359 -3.35 -7.82 32.82
N SER B 360 -3.89 -8.06 34.01
CA SER B 360 -3.21 -8.83 35.06
C SER B 360 -3.16 -10.30 34.70
N GLY B 361 -2.21 -11.02 35.29
CA GLY B 361 -2.16 -12.46 35.13
C GLY B 361 -1.11 -12.95 34.17
N LYS B 362 -0.36 -12.03 33.56
CA LYS B 362 0.75 -12.37 32.69
C LYS B 362 2.00 -11.60 33.11
N LEU B 363 3.17 -12.24 32.99
CA LEU B 363 4.41 -11.61 33.44
C LEU B 363 4.90 -10.60 32.39
N GLN B 364 4.94 -9.33 32.79
CA GLN B 364 5.34 -8.24 31.92
C GLN B 364 5.79 -7.05 32.73
N TRP B 365 6.45 -6.11 32.07
CA TRP B 365 6.68 -4.82 32.71
C TRP B 365 5.37 -4.04 32.67
N GLN B 366 4.96 -3.55 33.84
CA GLN B 366 3.66 -2.92 34.01
C GLN B 366 3.79 -1.40 33.89
N ASN B 367 3.23 -0.84 32.83
CA ASN B 367 3.35 0.58 32.59
C ASN B 367 2.04 1.34 32.81
N ASP B 368 2.15 2.61 33.16
CA ASP B 368 0.97 3.45 33.40
C ASP B 368 0.58 4.13 32.10
N TYR B 369 -0.38 3.53 31.40
CA TYR B 369 -0.71 3.97 30.07
C TYR B 369 -1.68 5.15 30.04
N ASN B 370 -2.24 5.51 31.19
CA ASN B 370 -2.98 6.74 31.22
C ASN B 370 -2.02 7.93 31.21
N LYS B 371 -0.85 7.76 31.82
CA LYS B 371 0.19 8.80 31.78
C LYS B 371 0.65 9.01 30.34
N CYS B 372 0.87 7.91 29.63
CA CYS B 372 1.25 8.00 28.22
C CYS B 372 0.23 8.80 27.43
N LEU B 373 -1.04 8.39 27.48
CA LEU B 373 -2.05 9.08 26.67
C LEU B 373 -2.14 10.56 27.06
N GLY B 374 -1.90 10.86 28.33
CA GLY B 374 -1.92 12.24 28.79
C GLY B 374 -0.94 13.13 28.04
N TYR B 375 0.14 12.55 27.54
CA TYR B 375 1.16 13.36 26.85
C TYR B 375 0.75 13.67 25.42
N TRP B 376 -0.20 12.94 24.88
CA TRP B 376 -0.52 13.14 23.47
C TRP B 376 -1.21 14.49 23.20
N PRO B 377 -2.20 14.90 24.02
CA PRO B 377 -2.72 16.26 23.81
C PRO B 377 -1.69 17.34 24.11
N GLU B 378 -0.81 17.09 25.06
N GLU B 378 -0.83 17.09 25.09
CA GLU B 378 0.20 18.08 25.44
CA GLU B 378 0.22 18.04 25.45
C GLU B 378 1.19 18.29 24.31
C GLU B 378 1.15 18.29 24.28
N SER B 379 1.56 17.21 23.63
CA SER B 379 2.55 17.29 22.56
C SER B 379 1.93 17.43 21.17
N GLY B 380 0.63 17.17 21.09
CA GLY B 380 -0.05 17.22 19.81
C GLY B 380 0.31 16.11 18.83
N GLY B 381 0.63 14.94 19.35
CA GLY B 381 0.98 13.83 18.48
C GLY B 381 0.77 12.49 19.13
N TYR B 382 1.52 11.48 18.68
CA TYR B 382 1.41 10.12 19.22
C TYR B 382 2.74 9.75 19.87
N CYS B 383 3.50 10.78 20.27
CA CYS B 383 4.79 10.66 20.95
C CYS B 383 5.70 9.69 20.20
N GLY B 384 6.06 8.58 20.84
CA GLY B 384 6.93 7.59 20.19
C GLY B 384 8.36 7.68 20.66
N VAL B 385 8.60 8.47 21.70
CA VAL B 385 9.98 8.70 22.16
C VAL B 385 10.65 7.39 22.59
N CYS B 386 9.87 6.51 23.24
CA CYS B 386 10.37 5.21 23.69
C CYS B 386 10.89 4.39 22.51
N VAL B 387 10.10 4.33 21.46
CA VAL B 387 10.53 3.67 20.23
C VAL B 387 11.80 4.33 19.67
N ALA B 388 11.83 5.66 19.64
CA ALA B 388 12.96 6.36 19.05
C ALA B 388 14.28 6.11 19.78
N VAL B 389 14.25 6.00 21.10
CA VAL B 389 15.48 5.92 21.89
C VAL B 389 15.94 4.48 22.16
N CYS B 390 15.08 3.52 21.89
CA CYS B 390 15.43 2.12 22.11
C CYS B 390 16.63 1.73 21.28
N PRO B 391 17.67 1.19 21.92
CA PRO B 391 18.85 0.72 21.17
C PRO B 391 18.51 -0.24 20.03
N PHE B 392 17.45 -1.02 20.16
CA PHE B 392 17.10 -1.98 19.12
C PHE B 392 16.57 -1.31 17.85
N THR B 393 16.17 -0.06 17.97
CA THR B 393 15.64 0.69 16.84
C THR B 393 16.75 1.11 15.89
N LYS B 394 17.94 1.37 16.44
CA LYS B 394 19.08 1.78 15.65
C LYS B 394 19.54 0.67 14.71
N GLY B 395 20.12 1.06 13.58
CA GLY B 395 20.46 0.15 12.50
C GLY B 395 21.36 -1.02 12.86
N ASN B 396 22.47 -0.73 13.53
CA ASN B 396 23.40 -1.77 13.93
C ASN B 396 23.54 -1.92 15.43
N ILE B 397 22.84 -2.90 15.99
CA ILE B 397 23.07 -3.34 17.36
C ILE B 397 23.71 -4.72 17.27
N TRP B 398 23.67 -5.28 16.06
CA TRP B 398 24.18 -6.63 15.81
C TRP B 398 25.66 -6.66 15.47
N ILE B 399 26.39 -7.51 16.18
CA ILE B 399 27.78 -7.76 15.88
C ILE B 399 28.06 -9.26 15.86
N HIS B 400 29.14 -9.65 15.21
CA HIS B 400 29.54 -11.06 15.16
C HIS B 400 30.88 -11.21 15.88
N ASP B 401 30.96 -12.17 16.81
CA ASP B 401 32.18 -12.34 17.60
C ASP B 401 33.10 -13.43 17.02
N GLY B 402 32.83 -13.82 15.78
CA GLY B 402 33.67 -14.77 15.09
C GLY B 402 33.04 -16.14 14.92
N VAL B 403 32.10 -16.48 15.80
CA VAL B 403 31.44 -17.77 15.73
C VAL B 403 29.91 -17.59 15.70
N GLU B 404 29.38 -16.64 16.46
CA GLU B 404 27.94 -16.43 16.51
C GLU B 404 27.54 -14.96 16.65
N TRP B 405 26.31 -14.64 16.25
CA TRP B 405 25.79 -13.29 16.39
C TRP B 405 25.46 -12.98 17.84
N LEU B 406 25.74 -11.74 18.23
CA LEU B 406 25.48 -11.27 19.57
C LEU B 406 25.10 -9.80 19.53
N ILE B 407 24.40 -9.34 20.57
CA ILE B 407 24.01 -7.95 20.65
C ILE B 407 25.10 -7.12 21.32
N ASP B 408 25.42 -5.98 20.73
CA ASP B 408 26.51 -5.11 21.18
C ASP B 408 26.19 -4.45 22.52
N ASN B 409 27.07 -4.63 23.49
CA ASN B 409 26.90 -4.06 24.83
C ASN B 409 26.68 -2.55 24.84
N THR B 410 27.39 -1.85 23.97
CA THR B 410 27.30 -0.40 23.89
C THR B 410 26.20 0.05 22.94
N ASN B 431 17.28 17.62 12.26
CA ASN B 431 15.94 18.08 12.59
C ASN B 431 14.91 17.69 11.53
N ILE B 432 13.74 18.29 11.59
CA ILE B 432 12.68 17.92 10.67
C ILE B 432 12.86 18.46 9.23
N THR B 433 13.47 19.64 9.09
CA THR B 433 13.83 20.13 7.75
C THR B 433 14.74 19.15 7.05
N GLU B 434 15.67 18.60 7.81
CA GLU B 434 16.63 17.64 7.29
C GLU B 434 15.95 16.34 6.88
N VAL B 435 14.89 15.96 7.58
CA VAL B 435 14.12 14.81 7.16
C VAL B 435 13.40 15.07 5.84
N TRP B 436 12.71 16.19 5.73
CA TRP B 436 12.04 16.57 4.48
C TRP B 436 13.00 16.69 3.30
N ASP B 437 14.25 17.12 3.56
CA ASP B 437 15.25 17.30 2.51
C ASP B 437 16.13 16.06 2.32
N GLY B 438 15.85 15.02 3.11
CA GLY B 438 16.78 13.90 3.25
C GLY B 438 16.32 12.64 2.54
N LYS B 439 16.92 11.52 2.93
CA LYS B 439 16.69 10.22 2.29
C LYS B 439 15.27 9.72 2.44
N ILE B 440 14.67 9.29 1.34
CA ILE B 440 13.37 8.60 1.38
C ILE B 440 13.35 7.59 0.24
N ASN B 441 12.46 6.62 0.35
CA ASN B 441 12.29 5.63 -0.69
C ASN B 441 10.86 5.13 -0.53
N THR B 442 10.48 4.17 -1.36
CA THR B 442 9.07 3.77 -1.45
C THR B 442 8.54 3.27 -0.11
N TYR B 443 7.37 3.81 0.28
CA TYR B 443 6.72 3.50 1.56
C TYR B 443 7.58 3.80 2.77
N GLY B 444 8.62 4.61 2.59
CA GLY B 444 9.50 4.94 3.68
C GLY B 444 10.47 3.82 4.01
N LEU B 445 10.51 2.78 3.17
CA LEU B 445 11.49 1.70 3.39
C LEU B 445 12.91 2.16 3.06
N ASP B 446 13.90 1.46 3.63
CA ASP B 446 15.30 1.86 3.52
C ASP B 446 16.08 0.81 2.75
N ALA B 447 16.57 1.16 1.57
CA ALA B 447 17.33 0.23 0.75
C ALA B 447 18.61 -0.27 1.41
N ASP B 448 19.12 0.46 2.41
CA ASP B 448 20.32 0.05 3.11
C ASP B 448 20.10 -1.23 3.91
N HIS B 449 18.84 -1.48 4.28
CA HIS B 449 18.51 -2.56 5.19
C HIS B 449 17.44 -3.50 4.61
N PHE B 450 16.91 -3.15 3.45
CA PHE B 450 15.78 -3.88 2.85
C PHE B 450 16.11 -5.35 2.53
N ARG B 451 17.38 -5.66 2.28
CA ARG B 451 17.77 -7.07 2.10
C ARG B 451 17.45 -7.94 3.31
N ASP B 452 17.37 -7.33 4.49
CA ASP B 452 17.13 -8.09 5.72
C ASP B 452 15.79 -8.80 5.71
N THR B 453 14.85 -8.30 4.92
CA THR B 453 13.53 -8.93 4.87
C THR B 453 13.30 -9.73 3.57
N VAL B 454 14.36 -10.03 2.85
CA VAL B 454 14.20 -10.92 1.70
C VAL B 454 13.73 -12.30 2.20
N SER B 455 12.96 -12.98 1.38
CA SER B 455 12.38 -14.26 1.79
C SER B 455 12.40 -15.28 0.66
N PHE B 456 12.86 -16.49 0.98
CA PHE B 456 12.79 -17.64 0.08
C PHE B 456 11.94 -18.69 0.77
N ARG B 457 11.61 -19.79 0.09
CA ARG B 457 10.76 -20.81 0.72
C ARG B 457 11.34 -21.32 2.05
N LYS B 458 12.66 -21.47 2.09
CA LYS B 458 13.36 -22.01 3.26
C LYS B 458 13.04 -21.25 4.55
N ASP B 459 12.85 -19.94 4.44
CA ASP B 459 12.57 -19.13 5.62
C ASP B 459 11.08 -18.81 5.77
N ARG B 460 10.25 -19.32 4.86
CA ARG B 460 8.81 -19.23 5.02
C ARG B 460 8.24 -20.47 5.72
N VAL B 461 8.77 -21.63 5.39
CA VAL B 461 8.25 -22.86 5.98
C VAL B 461 9.27 -23.99 5.92
#